data_7JIU
#
_entry.id   7JIU
#
_cell.length_a   58.457
_cell.length_b   135.132
_cell.length_c   142.045
_cell.angle_alpha   90.000
_cell.angle_beta   90.000
_cell.angle_gamma   90.000
#
_symmetry.space_group_name_H-M   'P 21 21 21'
#
loop_
_entity.id
_entity.type
_entity.pdbx_description
1 polymer 'Phosphatidylinositol 4,5-bisphosphate 3-kinase catalytic subunit alpha isoform'
2 non-polymer (3S)-3-benzyl-5-[9-ethyl-8-(2-methylpyrimidin-5-yl)-9H-purin-6-yl]-3-methyl-1,3-dihydro-2H-indol-2-one
3 water water
#
_entity_poly.entity_id   1
_entity_poly.type   'polypeptide(L)'
_entity_poly.pdbx_seq_one_letter_code
;NREEKILNREIGFAIGMPVCEFDMVKDPEVQDFRRNILNVCKEAVDLRDLNSPHSRAMYVYPPNVESSPELPKHIYNKLD
KGQIIVVIWVIVSPNNDKQKYTLKINHDCVPEQVIAEAIRKKTRSMLLSSEQLKLCVLEYQGKYILKVCGCDEYFLEKYP
LSQYKYIRSCIMLGRMPNLMLMAKESLYSQLPMDCFTMPSYSRRISTATPYMNGETSTKSLWVINSALRIKILCATYVNV
NIRDIDKIYVRTGIYHGGEPLCDNVNTQRVPCSNPRWNEWLNYDIYIPDLPRAARLCLSICSVKGRKGAKEEHCPLAWGN
INLFDYTDTLVSGKMALNLWPVPHGLEDLLNPIGVTGSNPNKETPCLELEFDWFSSVVKFPDMSVIEEHANWSVSREAGF
SYSHAGLSNRLARDNELRENDKEQLKAISTRDPLSEITEQEKDFLWSHRHYCVTIPEILPKLLLSVKWNSRDEVAQMYCL
VKDWPPIKPEQAMELLDCNYPDPMVRGFAVRCLEKYLTDDKLSQYLIQLVQVLKYEQYLDNLLVRFLLKKALTNQRIGHF
FFWHLKSEMHNKTVSQRFGLLLESYCRACGMYLKHLNRQVEAMEKLINLTDILKQEKKDETQKVQMKFLVEQMRRPDFMD
ALQGFLSPLNPAHQLGNLRLEECRIMSSAKRPLWLNWENPDIMSELLFQNNEIIFKNGDDLRQDMLTLQIIRIMENIWQN
QGLDLRMLPYGCLSIGDCVGLIEVVRNSHTIMQIQCKGGLKGALQFNSHTLHQWLKDKNKGEIYDAAIDLFTRSCAGYCV
ATFILGIGDRHNSNIMVKDDGQLFHIDFGHFLDHKKKKFGYKRERVPFVLTQDFLIVISKGAQECTKTREFERFQEMCYK
AYLAIRQHANLFINLFSMMLGSGMPELQSFDDIAYIRKTLALDKTEQEALEYFMKQMNDAHHGGWT
;
_entity_poly.pdbx_strand_id   A
#
# COMPACT_ATOMS: atom_id res chain seq x y z
N ASN A 1 9.64 -26.00 -27.19
CA ASN A 1 8.17 -25.91 -26.90
C ASN A 1 7.67 -26.79 -25.74
N ARG A 2 8.32 -27.93 -25.52
CA ARG A 2 8.07 -28.76 -24.33
C ARG A 2 8.34 -28.00 -23.02
N GLU A 3 9.49 -27.33 -22.95
CA GLU A 3 9.87 -26.53 -21.80
C GLU A 3 8.91 -25.36 -21.57
N GLU A 4 8.55 -24.66 -22.65
CA GLU A 4 7.63 -23.53 -22.57
C GLU A 4 6.27 -23.94 -22.05
N LYS A 5 5.74 -25.06 -22.55
CA LYS A 5 4.48 -25.61 -22.07
C LYS A 5 4.50 -25.96 -20.59
N ILE A 6 5.61 -26.52 -20.12
CA ILE A 6 5.81 -26.82 -18.70
C ILE A 6 5.81 -25.52 -17.90
N LEU A 7 6.51 -24.51 -18.39
CA LEU A 7 6.53 -23.19 -17.74
C LEU A 7 5.15 -22.54 -17.68
N ASN A 8 4.42 -22.59 -18.80
CA ASN A 8 3.07 -22.03 -18.84
C ASN A 8 2.14 -22.65 -17.81
N ARG A 9 2.26 -23.95 -17.60
CA ARG A 9 1.49 -24.65 -16.55
C ARG A 9 1.88 -24.14 -15.16
N GLU A 10 3.18 -23.97 -14.90
CA GLU A 10 3.64 -23.39 -13.65
C GLU A 10 3.10 -21.98 -13.41
N ILE A 11 3.16 -21.15 -14.44
CA ILE A 11 2.64 -19.78 -14.38
C ILE A 11 1.13 -19.80 -14.15
N GLY A 12 0.44 -20.70 -14.83
CA GLY A 12 -1.00 -20.84 -14.67
C GLY A 12 -1.41 -21.21 -13.26
N PHE A 13 -0.63 -22.11 -12.65
CA PHE A 13 -0.85 -22.48 -11.27
C PHE A 13 -0.60 -21.33 -10.30
N ALA A 14 0.49 -20.58 -10.52
CA ALA A 14 0.83 -19.45 -9.65
C ALA A 14 -0.27 -18.40 -9.67
N ILE A 15 -0.77 -18.09 -10.87
CA ILE A 15 -1.71 -16.98 -11.04
C ILE A 15 -3.19 -17.33 -10.87
N GLY A 16 -3.51 -18.63 -10.88
CA GLY A 16 -4.87 -19.11 -10.72
C GLY A 16 -5.72 -19.10 -11.98
N MET A 17 -5.09 -18.95 -13.14
CA MET A 17 -5.79 -18.97 -14.44
C MET A 17 -4.79 -19.34 -15.53
N PRO A 18 -5.25 -20.11 -16.53
CA PRO A 18 -4.32 -20.58 -17.54
C PRO A 18 -3.87 -19.47 -18.49
N VAL A 19 -2.60 -19.52 -18.85
CA VAL A 19 -1.96 -18.57 -19.77
C VAL A 19 -2.65 -18.50 -21.12
N CYS A 20 -3.25 -19.61 -21.56
CA CYS A 20 -3.99 -19.66 -22.82
C CYS A 20 -5.19 -18.69 -22.84
N GLU A 21 -5.79 -18.41 -21.69
CA GLU A 21 -6.82 -17.36 -21.63
C GLU A 21 -6.33 -15.98 -22.09
N PHE A 22 -5.05 -15.65 -21.85
CA PHE A 22 -4.46 -14.40 -22.36
C PHE A 22 -4.22 -14.46 -23.87
N ASP A 23 -3.77 -15.62 -24.37
CA ASP A 23 -3.60 -15.84 -25.82
C ASP A 23 -4.85 -15.53 -26.64
N MET A 24 -6.02 -15.90 -26.11
CA MET A 24 -7.29 -15.71 -26.82
C MET A 24 -7.80 -14.27 -26.83
N VAL A 25 -7.25 -13.40 -25.96
CA VAL A 25 -7.72 -12.00 -25.91
C VAL A 25 -7.36 -11.27 -27.21
N LYS A 26 -8.37 -10.70 -27.84
CA LYS A 26 -8.22 -10.08 -29.14
C LYS A 26 -7.66 -8.67 -29.02
N ASP A 27 -8.13 -7.93 -28.01
CA ASP A 27 -7.66 -6.57 -27.72
C ASP A 27 -6.15 -6.42 -27.98
N PRO A 28 -5.76 -5.55 -28.95
CA PRO A 28 -4.35 -5.38 -29.23
C PRO A 28 -3.55 -4.68 -28.11
N GLU A 29 -4.21 -3.98 -27.18
CA GLU A 29 -3.47 -3.39 -26.04
C GLU A 29 -2.91 -4.50 -25.15
N VAL A 30 -3.71 -5.52 -24.93
CA VAL A 30 -3.32 -6.70 -24.17
C VAL A 30 -2.13 -7.40 -24.81
N GLN A 31 -2.21 -7.71 -26.11
CA GLN A 31 -1.11 -8.44 -26.76
C GLN A 31 0.14 -7.58 -26.85
N ASP A 32 -0.02 -6.28 -27.08
CA ASP A 32 1.12 -5.37 -27.04
C ASP A 32 1.77 -5.27 -25.65
N PHE A 33 0.96 -5.24 -24.59
CA PHE A 33 1.53 -5.28 -23.22
C PHE A 33 2.37 -6.54 -23.03
N ARG A 34 1.79 -7.69 -23.33
CA ARG A 34 2.49 -8.98 -23.16
C ARG A 34 3.87 -9.00 -23.81
N ARG A 35 3.92 -8.52 -25.05
CA ARG A 35 5.17 -8.44 -25.81
C ARG A 35 6.09 -7.33 -25.32
N ASN A 36 5.55 -6.10 -25.27
CA ASN A 36 6.39 -4.93 -24.96
C ASN A 36 6.94 -4.89 -23.55
N ILE A 37 6.23 -5.49 -22.58
CA ILE A 37 6.72 -5.49 -21.19
C ILE A 37 8.00 -6.34 -20.99
N LEU A 38 8.30 -7.24 -21.93
CA LEU A 38 9.43 -8.17 -21.80
C LEU A 38 10.79 -7.54 -21.75
N ASN A 39 10.95 -6.31 -22.26
CA ASN A 39 12.24 -5.61 -22.08
C ASN A 39 12.54 -5.28 -20.62
N VAL A 40 11.52 -5.09 -19.80
CA VAL A 40 11.73 -4.91 -18.34
C VAL A 40 12.25 -6.22 -17.77
N CYS A 41 11.63 -7.32 -18.19
CA CYS A 41 12.07 -8.66 -17.79
C CYS A 41 13.55 -8.88 -18.16
N LYS A 42 13.90 -8.56 -19.41
CA LYS A 42 15.28 -8.71 -19.90
C LYS A 42 16.24 -7.87 -19.08
N GLU A 43 15.88 -6.61 -18.87
CA GLU A 43 16.74 -5.69 -18.12
C GLU A 43 17.02 -6.18 -16.71
N ALA A 44 15.98 -6.73 -16.05
CA ALA A 44 16.12 -7.24 -14.70
C ALA A 44 17.07 -8.42 -14.63
N VAL A 45 16.85 -9.36 -15.55
CA VAL A 45 17.69 -10.55 -15.63
C VAL A 45 19.17 -10.17 -15.87
N ASP A 46 19.42 -9.17 -16.72
CA ASP A 46 20.79 -8.67 -16.99
C ASP A 46 21.42 -8.07 -15.74
N LEU A 47 20.62 -7.36 -14.94
CA LEU A 47 21.13 -6.84 -13.66
C LEU A 47 21.53 -7.97 -12.70
N ARG A 48 20.74 -9.03 -12.68
CA ARG A 48 21.00 -10.21 -11.84
C ARG A 48 22.20 -11.07 -12.23
N ASP A 49 22.57 -11.05 -13.51
N ASP A 49 22.57 -11.03 -13.51
CA ASP A 49 23.77 -11.77 -13.99
CA ASP A 49 23.72 -11.74 -14.05
C ASP A 49 24.94 -10.84 -14.26
C ASP A 49 24.96 -10.86 -14.23
N LEU A 50 24.93 -9.64 -13.70
CA LEU A 50 25.99 -8.65 -13.91
C LEU A 50 27.30 -9.04 -13.21
N ASN A 51 27.19 -9.33 -11.91
CA ASN A 51 28.32 -9.77 -11.08
C ASN A 51 28.00 -11.10 -10.40
N SER A 52 27.79 -12.11 -11.22
CA SER A 52 27.39 -13.43 -10.76
C SER A 52 28.56 -14.12 -10.05
N PRO A 53 28.29 -14.92 -9.00
CA PRO A 53 27.00 -15.20 -8.35
C PRO A 53 26.55 -14.18 -7.29
N HIS A 54 27.42 -13.23 -6.92
CA HIS A 54 27.08 -12.21 -5.91
C HIS A 54 25.78 -11.49 -6.22
N SER A 55 25.62 -11.11 -7.48
CA SER A 55 24.47 -10.34 -7.93
C SER A 55 23.18 -11.18 -7.93
N ARG A 56 23.31 -12.49 -8.17
CA ARG A 56 22.18 -13.41 -8.02
C ARG A 56 21.78 -13.54 -6.55
N ALA A 57 22.77 -13.68 -5.66
CA ALA A 57 22.53 -13.77 -4.22
C ALA A 57 21.93 -12.51 -3.64
N MET A 58 22.33 -11.36 -4.18
CA MET A 58 21.79 -10.07 -3.77
C MET A 58 20.32 -9.91 -4.16
N TYR A 59 19.93 -10.48 -5.30
CA TYR A 59 18.54 -10.57 -5.73
C TYR A 59 17.69 -11.42 -4.75
N VAL A 60 18.17 -12.62 -4.46
CA VAL A 60 17.45 -13.58 -3.62
C VAL A 60 17.45 -13.16 -2.17
N TYR A 61 18.57 -12.64 -1.67
CA TYR A 61 18.73 -12.30 -0.26
C TYR A 61 19.19 -10.84 -0.12
N PRO A 62 18.32 -9.87 -0.48
CA PRO A 62 18.73 -8.49 -0.42
C PRO A 62 18.98 -8.01 1.00
N PRO A 63 19.87 -7.04 1.16
CA PRO A 63 20.11 -6.54 2.51
C PRO A 63 18.87 -5.92 3.18
N ASN A 64 18.56 -6.40 4.37
CA ASN A 64 17.41 -5.91 5.12
C ASN A 64 17.88 -4.75 5.99
N VAL A 65 17.84 -3.56 5.41
CA VAL A 65 18.53 -2.39 5.96
C VAL A 65 17.62 -1.18 6.15
N GLU A 66 17.93 -0.35 7.15
CA GLU A 66 17.24 0.92 7.35
C GLU A 66 17.68 1.90 6.27
N SER A 67 16.86 2.93 6.04
CA SER A 67 17.18 3.97 5.06
C SER A 67 18.43 4.78 5.44
N SER A 68 18.49 5.20 6.70
CA SER A 68 19.59 6.04 7.22
C SER A 68 20.61 5.23 8.05
N PRO A 69 21.92 5.27 7.68
CA PRO A 69 22.98 4.73 8.56
C PRO A 69 23.02 5.37 9.96
N GLU A 70 22.77 6.67 10.04
CA GLU A 70 22.86 7.44 11.30
C GLU A 70 21.79 7.03 12.31
N LEU A 71 22.21 6.81 13.56
CA LEU A 71 21.30 6.38 14.61
C LEU A 71 20.69 7.59 15.33
N PRO A 72 19.47 7.45 15.87
CA PRO A 72 19.00 8.43 16.86
C PRO A 72 19.85 8.42 18.14
N LYS A 73 19.55 9.37 19.02
CA LYS A 73 20.30 9.55 20.27
C LYS A 73 20.03 8.40 21.25
N HIS A 74 18.75 8.11 21.46
CA HIS A 74 18.33 7.03 22.35
C HIS A 74 18.69 5.60 21.86
N ILE A 75 19.05 5.46 20.59
CA ILE A 75 19.58 4.20 20.06
C ILE A 75 21.07 4.12 20.33
N TYR A 76 21.82 5.11 19.85
CA TYR A 76 23.27 5.21 20.12
C TYR A 76 23.60 5.12 21.62
N ASN A 77 22.76 5.72 22.46
CA ASN A 77 22.94 5.69 23.93
C ASN A 77 22.80 4.30 24.58
N LYS A 78 22.14 3.38 23.89
CA LYS A 78 22.12 1.96 24.28
C LYS A 78 23.47 1.25 24.09
N LEU A 79 24.32 1.80 23.21
CA LEU A 79 25.65 1.25 22.96
C LEU A 79 26.67 1.66 24.05
N ASP A 80 27.49 0.71 24.45
CA ASP A 80 28.63 0.97 25.34
C ASP A 80 29.72 1.73 24.58
N LYS A 81 29.70 3.06 24.73
CA LYS A 81 30.66 3.95 24.05
C LYS A 81 30.68 3.75 22.52
N GLY A 82 29.50 3.66 21.93
CA GLY A 82 29.33 3.38 20.49
C GLY A 82 29.74 1.98 20.05
N GLN A 83 29.66 1.02 20.97
CA GLN A 83 30.04 -0.38 20.70
C GLN A 83 28.93 -1.34 21.02
N ILE A 84 28.90 -2.45 20.28
CA ILE A 84 27.85 -3.46 20.39
C ILE A 84 28.49 -4.81 20.71
N ILE A 85 27.80 -5.59 21.55
CA ILE A 85 28.15 -6.98 21.82
C ILE A 85 27.38 -7.85 20.81
N VAL A 86 28.10 -8.67 20.06
CA VAL A 86 27.55 -9.56 19.05
C VAL A 86 28.10 -10.97 19.30
N VAL A 87 27.25 -11.99 19.10
CA VAL A 87 27.65 -13.40 19.18
C VAL A 87 27.73 -13.98 17.77
N ILE A 88 28.93 -14.40 17.36
CA ILE A 88 29.11 -15.05 16.08
C ILE A 88 29.33 -16.54 16.30
N TRP A 89 28.40 -17.32 15.73
CA TRP A 89 28.44 -18.77 15.80
C TRP A 89 29.15 -19.35 14.58
N VAL A 90 29.80 -20.48 14.80
CA VAL A 90 30.45 -21.25 13.76
C VAL A 90 30.00 -22.69 13.92
N ILE A 91 29.63 -23.30 12.81
CA ILE A 91 29.35 -24.73 12.74
C ILE A 91 30.67 -25.40 12.39
N VAL A 92 31.03 -26.41 13.18
CA VAL A 92 32.29 -27.13 13.01
C VAL A 92 32.03 -28.64 13.04
N ASP A 97 28.55 -29.24 15.51
CA ASP A 97 28.87 -28.64 16.81
C ASP A 97 28.88 -27.12 16.71
N LYS A 98 28.38 -26.46 17.75
CA LYS A 98 28.06 -25.05 17.72
C LYS A 98 28.98 -24.27 18.68
N GLN A 99 29.96 -23.56 18.10
CA GLN A 99 30.90 -22.70 18.83
C GLN A 99 30.50 -21.23 18.74
N LYS A 100 30.18 -20.63 19.87
CA LYS A 100 29.89 -19.19 19.95
C LYS A 100 31.17 -18.40 20.24
N TYR A 101 31.34 -17.29 19.54
CA TYR A 101 32.39 -16.30 19.84
C TYR A 101 31.75 -14.93 20.06
N THR A 102 31.91 -14.41 21.28
CA THR A 102 31.32 -13.13 21.69
C THR A 102 32.30 -11.98 21.41
N LEU A 103 31.87 -11.03 20.58
CA LEU A 103 32.69 -9.90 20.19
C LEU A 103 32.13 -8.62 20.77
N LYS A 104 33.02 -7.67 21.03
CA LYS A 104 32.67 -6.31 21.40
C LYS A 104 33.32 -5.45 20.35
N ILE A 105 32.50 -4.82 19.52
CA ILE A 105 32.98 -4.08 18.35
C ILE A 105 32.16 -2.80 18.18
N ASN A 106 32.68 -1.92 17.35
CA ASN A 106 32.00 -0.67 17.01
C ASN A 106 30.75 -0.94 16.18
N HIS A 107 29.64 -0.29 16.53
CA HIS A 107 28.34 -0.48 15.86
C HIS A 107 28.37 -0.39 14.34
N ASP A 108 29.28 0.44 13.81
CA ASP A 108 29.36 0.72 12.38
C ASP A 108 30.47 -0.06 11.66
N CYS A 109 30.92 -1.17 12.25
CA CYS A 109 31.77 -2.12 11.54
C CYS A 109 31.03 -2.73 10.35
N VAL A 110 31.77 -2.97 9.27
CA VAL A 110 31.26 -3.59 8.06
C VAL A 110 31.35 -5.11 8.31
N PRO A 111 30.49 -5.91 7.66
CA PRO A 111 30.54 -7.38 7.83
C PRO A 111 31.91 -8.03 7.74
N GLU A 112 32.69 -7.66 6.71
CA GLU A 112 34.06 -8.16 6.52
C GLU A 112 34.95 -7.96 7.76
N GLN A 113 34.79 -6.83 8.44
CA GLN A 113 35.51 -6.52 9.68
C GLN A 113 35.04 -7.35 10.88
N VAL A 114 33.73 -7.59 10.94
CA VAL A 114 33.12 -8.44 11.98
C VAL A 114 33.60 -9.89 11.84
N ILE A 115 33.62 -10.40 10.61
CA ILE A 115 34.11 -11.74 10.31
C ILE A 115 35.60 -11.88 10.70
N ALA A 116 36.40 -10.86 10.39
CA ALA A 116 37.83 -10.84 10.74
C ALA A 116 38.05 -10.99 12.24
N GLU A 117 37.31 -10.20 13.01
CA GLU A 117 37.34 -10.27 14.47
C GLU A 117 36.89 -11.64 15.02
N ALA A 118 35.88 -12.25 14.40
CA ALA A 118 35.45 -13.61 14.79
C ALA A 118 36.54 -14.67 14.56
N ILE A 119 37.25 -14.54 13.44
CA ILE A 119 38.38 -15.43 13.13
C ILE A 119 39.55 -15.15 14.08
N ARG A 120 39.84 -13.87 14.32
CA ARG A 120 40.85 -13.45 15.31
C ARG A 120 40.57 -14.04 16.70
N LYS A 121 39.30 -14.04 17.10
CA LYS A 121 38.89 -14.65 18.37
C LYS A 121 39.06 -16.16 18.34
N LYS A 122 38.59 -16.80 17.26
CA LYS A 122 38.77 -18.24 17.07
C LYS A 122 40.26 -18.66 17.03
N THR A 123 41.08 -17.79 16.45
CA THR A 123 42.53 -17.95 16.39
C THR A 123 43.16 -18.01 17.79
N ARG A 124 42.83 -17.03 18.63
CA ARG A 124 43.35 -16.94 20.01
C ARG A 124 43.06 -18.19 20.81
N SER A 125 41.86 -18.76 20.61
CA SER A 125 41.44 -19.99 21.28
C SER A 125 42.36 -21.19 21.06
N MET A 126 42.98 -21.28 19.89
CA MET A 126 43.94 -22.36 19.58
C MET A 126 45.12 -22.34 20.55
N TYR A 140 41.05 -15.75 4.16
CA TYR A 140 40.24 -16.11 5.34
C TYR A 140 38.91 -15.34 5.40
N GLN A 141 38.99 -14.01 5.44
CA GLN A 141 37.81 -13.14 5.64
C GLN A 141 36.86 -13.08 4.44
N GLY A 142 37.43 -12.98 3.24
CA GLY A 142 36.65 -12.88 1.99
C GLY A 142 35.93 -14.13 1.51
N LYS A 143 36.19 -15.27 2.15
CA LYS A 143 35.52 -16.54 1.83
C LYS A 143 34.24 -16.81 2.63
N TYR A 144 33.88 -15.91 3.57
CA TYR A 144 32.71 -16.09 4.45
C TYR A 144 31.65 -14.99 4.31
N ILE A 145 30.42 -15.31 4.75
CA ILE A 145 29.34 -14.33 4.90
C ILE A 145 28.63 -14.51 6.24
N LEU A 146 27.98 -13.45 6.71
CA LEU A 146 27.18 -13.50 7.93
C LEU A 146 25.70 -13.72 7.64
N LYS A 147 25.11 -14.69 8.35
CA LYS A 147 23.68 -15.01 8.29
C LYS A 147 23.07 -14.76 9.66
N VAL A 148 21.80 -14.36 9.70
CA VAL A 148 21.08 -14.23 10.98
C VAL A 148 20.68 -15.62 11.43
N CYS A 149 20.93 -15.94 12.71
CA CYS A 149 20.63 -17.24 13.29
C CYS A 149 19.12 -17.43 13.35
N GLY A 150 18.62 -18.53 12.80
CA GLY A 150 17.20 -18.83 12.90
C GLY A 150 16.33 -18.48 11.70
N CYS A 151 16.83 -17.72 10.72
CA CYS A 151 16.08 -17.41 9.50
C CYS A 151 16.98 -17.19 8.30
N ASP A 152 16.40 -17.18 7.11
CA ASP A 152 17.17 -17.00 5.86
C ASP A 152 17.35 -15.51 5.53
N GLU A 153 18.14 -14.83 6.36
CA GLU A 153 18.54 -13.46 6.12
C GLU A 153 20.06 -13.35 6.19
N TYR A 154 20.65 -12.68 5.21
CA TYR A 154 22.11 -12.59 5.07
C TYR A 154 22.53 -11.15 5.04
N PHE A 155 23.78 -10.89 5.40
CA PHE A 155 24.39 -9.55 5.33
C PHE A 155 25.41 -9.47 4.17
N LEU A 156 24.94 -9.53 2.93
CA LEU A 156 25.84 -9.71 1.78
C LEU A 156 26.57 -8.43 1.30
N GLU A 157 26.17 -7.29 1.83
CA GLU A 157 26.64 -6.00 1.33
C GLU A 157 27.32 -5.24 2.46
N LYS A 158 28.29 -4.42 2.09
CA LYS A 158 29.16 -3.70 3.02
C LYS A 158 28.52 -2.45 3.62
N TYR A 159 27.41 -2.64 4.32
CA TYR A 159 26.77 -1.58 5.11
C TYR A 159 27.34 -1.63 6.54
N PRO A 160 27.22 -0.52 7.30
CA PRO A 160 27.46 -0.56 8.74
C PRO A 160 26.57 -1.59 9.39
N LEU A 161 27.10 -2.34 10.35
CA LEU A 161 26.35 -3.41 11.00
C LEU A 161 25.03 -2.91 11.55
N SER A 162 25.04 -1.75 12.20
CA SER A 162 23.85 -1.18 12.84
C SER A 162 22.76 -0.69 11.86
N GLN A 163 23.09 -0.54 10.58
CA GLN A 163 22.09 -0.23 9.54
C GLN A 163 21.20 -1.42 9.18
N TYR A 164 21.69 -2.65 9.38
CA TYR A 164 20.86 -3.84 9.21
C TYR A 164 19.76 -3.82 10.27
N LYS A 165 18.51 -4.04 9.84
CA LYS A 165 17.33 -3.93 10.71
C LYS A 165 17.32 -4.90 11.90
N TYR A 166 17.79 -6.12 11.66
CA TYR A 166 17.94 -7.10 12.74
C TYR A 166 18.83 -6.51 13.86
N ILE A 167 19.94 -5.90 13.45
CA ILE A 167 20.92 -5.34 14.39
C ILE A 167 20.33 -4.14 15.11
N ARG A 168 19.72 -3.22 14.36
CA ARG A 168 19.11 -2.04 14.97
C ARG A 168 17.99 -2.39 15.93
N SER A 169 17.17 -3.36 15.55
CA SER A 169 16.14 -3.92 16.43
C SER A 169 16.70 -4.55 17.70
N CYS A 170 17.80 -5.29 17.59
CA CYS A 170 18.46 -5.88 18.78
C CYS A 170 18.92 -4.81 19.76
N ILE A 171 19.58 -3.76 19.25
CA ILE A 171 20.06 -2.61 20.04
C ILE A 171 18.91 -1.92 20.79
N MET A 172 17.81 -1.67 20.09
CA MET A 172 16.58 -1.08 20.67
C MET A 172 16.06 -1.90 21.84
N LEU A 173 15.83 -3.19 21.58
CA LEU A 173 15.19 -4.09 22.52
C LEU A 173 16.11 -4.65 23.61
N GLY A 174 17.41 -4.37 23.51
CA GLY A 174 18.39 -4.91 24.43
C GLY A 174 18.56 -6.43 24.32
N ARG A 175 18.40 -6.95 23.10
CA ARG A 175 18.63 -8.37 22.81
C ARG A 175 20.00 -8.56 22.18
N MET A 176 20.56 -9.76 22.35
CA MET A 176 21.90 -10.08 21.85
C MET A 176 21.81 -10.54 20.39
N PRO A 177 22.52 -9.86 19.46
CA PRO A 177 22.59 -10.35 18.08
C PRO A 177 23.36 -11.67 17.94
N ASN A 178 22.71 -12.65 17.30
CA ASN A 178 23.27 -13.96 17.05
C ASN A 178 23.33 -14.16 15.55
N LEU A 179 24.57 -14.16 15.02
CA LEU A 179 24.85 -14.33 13.61
C LEU A 179 25.68 -15.58 13.42
N MET A 180 25.57 -16.19 12.25
CA MET A 180 26.22 -17.45 11.96
C MET A 180 27.20 -17.23 10.84
N LEU A 181 28.37 -17.81 10.99
CA LEU A 181 29.41 -17.75 9.97
C LEU A 181 29.13 -18.86 8.98
N MET A 182 29.23 -18.53 7.70
CA MET A 182 28.88 -19.45 6.64
C MET A 182 29.76 -19.19 5.45
N ALA A 183 30.21 -20.28 4.81
CA ALA A 183 31.03 -20.19 3.61
C ALA A 183 30.18 -19.68 2.45
N LYS A 184 30.70 -18.68 1.73
CA LYS A 184 30.10 -18.13 0.52
C LYS A 184 29.64 -19.20 -0.44
N GLU A 185 30.53 -20.14 -0.73
CA GLU A 185 30.24 -21.20 -1.69
C GLU A 185 29.14 -22.16 -1.25
N SER A 186 28.92 -22.28 0.05
CA SER A 186 27.77 -23.05 0.57
C SER A 186 26.43 -22.34 0.31
N LEU A 187 26.43 -21.00 0.30
CA LEU A 187 25.24 -20.24 -0.12
C LEU A 187 25.07 -20.27 -1.63
N TYR A 188 26.11 -19.83 -2.34
CA TYR A 188 26.09 -19.71 -3.80
C TYR A 188 25.70 -21.01 -4.50
N SER A 189 26.21 -22.12 -3.98
CA SER A 189 25.86 -23.47 -4.47
C SER A 189 24.36 -23.74 -4.47
N GLN A 190 23.65 -23.20 -3.47
CA GLN A 190 22.20 -23.35 -3.33
C GLN A 190 21.34 -22.33 -4.12
N LEU A 191 21.96 -21.54 -5.01
CA LEU A 191 21.25 -20.55 -5.84
C LEU A 191 21.24 -20.95 -7.32
N PRO A 192 20.20 -21.68 -7.74
CA PRO A 192 20.10 -22.15 -9.13
C PRO A 192 20.23 -21.05 -10.16
N MET A 193 20.77 -21.41 -11.31
CA MET A 193 20.98 -20.49 -12.41
C MET A 193 19.65 -20.15 -13.07
N ASP A 194 19.47 -18.88 -13.39
CA ASP A 194 18.29 -18.43 -14.11
C ASP A 194 18.55 -18.56 -15.61
N CYS A 195 17.60 -19.14 -16.33
CA CYS A 195 17.71 -19.26 -17.78
C CYS A 195 16.46 -18.68 -18.42
N PHE A 196 16.31 -17.36 -18.26
CA PHE A 196 15.17 -16.64 -18.80
C PHE A 196 15.03 -16.88 -20.29
N THR A 197 13.89 -17.42 -20.70
CA THR A 197 13.60 -17.66 -22.10
C THR A 197 12.49 -16.73 -22.55
N MET A 198 12.69 -16.08 -23.68
CA MET A 198 11.64 -15.23 -24.25
C MET A 198 10.48 -16.10 -24.76
N PRO A 199 9.23 -15.80 -24.35
CA PRO A 199 8.11 -16.66 -24.75
C PRO A 199 7.74 -16.53 -26.24
N SER A 200 6.85 -17.42 -26.69
CA SER A 200 6.44 -17.48 -28.11
C SER A 200 5.89 -16.16 -28.64
N TYR A 201 5.04 -15.52 -27.83
CA TYR A 201 4.40 -14.24 -28.21
C TYR A 201 5.36 -13.04 -28.39
N SER A 202 6.60 -13.17 -27.91
CA SER A 202 7.67 -12.17 -28.15
C SER A 202 7.85 -11.79 -29.63
N ARG A 203 7.86 -12.80 -30.48
CA ARG A 203 7.87 -12.62 -31.93
C ARG A 203 6.42 -12.37 -32.40
N ARG A 204 6.16 -11.17 -32.92
CA ARG A 204 4.83 -10.78 -33.39
C ARG A 204 4.42 -11.55 -34.65
N THR A 216 -8.25 8.06 -45.93
CA THR A 216 -7.70 8.21 -44.59
C THR A 216 -6.37 8.97 -44.57
N SER A 217 -5.97 9.39 -43.37
CA SER A 217 -4.75 10.17 -43.15
C SER A 217 -4.43 10.22 -41.65
N THR A 218 -3.30 10.83 -41.28
CA THR A 218 -2.92 11.04 -39.87
C THR A 218 -2.89 12.54 -39.57
N LYS A 219 -3.89 13.03 -38.82
CA LYS A 219 -4.03 14.45 -38.49
C LYS A 219 -3.99 14.71 -36.98
N SER A 220 -3.43 15.85 -36.60
CA SER A 220 -3.33 16.24 -35.19
C SER A 220 -4.70 16.60 -34.61
N LEU A 221 -4.87 16.32 -33.34
CA LEU A 221 -6.03 16.75 -32.56
C LEU A 221 -6.26 18.28 -32.64
N TRP A 222 -5.16 19.02 -32.62
CA TRP A 222 -5.18 20.48 -32.62
C TRP A 222 -5.58 21.13 -33.97
N VAL A 223 -5.62 20.34 -35.05
CA VAL A 223 -6.11 20.77 -36.35
C VAL A 223 -7.62 20.57 -36.48
N ILE A 224 -8.20 19.65 -35.69
CA ILE A 224 -9.64 19.37 -35.78
C ILE A 224 -10.44 20.54 -35.20
N ASN A 225 -10.90 21.42 -36.09
CA ASN A 225 -11.82 22.50 -35.73
C ASN A 225 -13.23 21.94 -35.65
N SER A 226 -13.66 21.58 -34.44
CA SER A 226 -14.99 21.03 -34.20
C SER A 226 -15.25 20.91 -32.68
N ALA A 227 -16.52 21.01 -32.31
CA ALA A 227 -16.94 20.72 -30.92
C ALA A 227 -17.03 19.21 -30.73
N LEU A 228 -17.04 18.78 -29.47
CA LEU A 228 -17.14 17.37 -29.15
C LEU A 228 -18.59 16.92 -29.16
N ARG A 229 -18.83 15.80 -29.86
CA ARG A 229 -20.12 15.12 -29.81
C ARG A 229 -19.98 13.61 -29.89
N ILE A 230 -20.91 12.91 -29.27
CA ILE A 230 -20.90 11.46 -29.19
C ILE A 230 -22.34 10.97 -29.31
N LYS A 231 -22.54 9.87 -30.05
CA LYS A 231 -23.86 9.25 -30.25
C LYS A 231 -24.11 8.03 -29.36
N ILE A 232 -25.22 8.05 -28.62
CA ILE A 232 -25.72 6.90 -27.89
C ILE A 232 -26.78 6.22 -28.77
N LEU A 233 -26.43 5.04 -29.30
CA LEU A 233 -27.31 4.28 -30.19
C LEU A 233 -28.40 3.56 -29.38
N CYS A 234 -28.01 2.50 -28.67
CA CYS A 234 -28.96 1.65 -27.96
C CYS A 234 -28.28 0.84 -26.86
N ALA A 235 -29.09 0.38 -25.91
CA ALA A 235 -28.70 -0.62 -24.93
C ALA A 235 -29.30 -2.01 -25.26
N THR A 236 -28.49 -3.04 -25.06
CA THR A 236 -28.95 -4.44 -25.03
C THR A 236 -28.71 -4.99 -23.63
N TYR A 237 -29.33 -6.14 -23.35
CA TYR A 237 -29.29 -6.82 -22.02
C TYR A 237 -29.79 -5.94 -20.85
N VAL A 238 -30.78 -5.10 -21.13
CA VAL A 238 -31.43 -4.27 -20.11
C VAL A 238 -32.63 -5.02 -19.55
N ASN A 239 -32.39 -5.79 -18.49
CA ASN A 239 -33.41 -6.59 -17.83
C ASN A 239 -33.81 -5.94 -16.51
N VAL A 240 -35.10 -5.61 -16.35
CA VAL A 240 -35.61 -4.89 -15.17
C VAL A 240 -37.07 -5.30 -14.88
N ASN A 241 -37.59 -4.82 -13.74
CA ASN A 241 -38.99 -5.05 -13.34
C ASN A 241 -40.00 -4.34 -14.23
N ASP A 244 -40.91 -1.71 -10.40
CA ASP A 244 -40.15 -0.61 -9.80
C ASP A 244 -39.63 0.40 -10.84
N ILE A 245 -38.94 -0.11 -11.86
CA ILE A 245 -38.35 0.74 -12.90
C ILE A 245 -39.41 1.10 -13.94
N ASP A 246 -39.42 2.37 -14.37
CA ASP A 246 -40.41 2.87 -15.33
C ASP A 246 -39.70 3.48 -16.56
N LYS A 247 -39.17 4.70 -16.43
CA LYS A 247 -38.50 5.41 -17.53
C LYS A 247 -36.99 5.40 -17.32
N ILE A 248 -36.23 5.38 -18.40
CA ILE A 248 -34.75 5.42 -18.34
C ILE A 248 -34.10 6.31 -19.40
N TYR A 249 -32.86 6.72 -19.09
CA TYR A 249 -32.04 7.58 -19.96
C TYR A 249 -30.55 7.33 -19.70
N VAL A 250 -29.73 7.65 -20.70
CA VAL A 250 -28.27 7.58 -20.57
C VAL A 250 -27.69 8.95 -20.18
N ARG A 251 -27.12 9.00 -18.98
CA ARG A 251 -26.39 10.15 -18.46
C ARG A 251 -24.95 10.09 -18.96
N THR A 252 -24.37 11.25 -19.33
CA THR A 252 -22.98 11.32 -19.80
C THR A 252 -22.20 12.54 -19.30
N GLY A 253 -20.88 12.42 -19.33
CA GLY A 253 -19.97 13.48 -18.89
C GLY A 253 -18.55 13.26 -19.37
N ILE A 254 -17.84 14.36 -19.56
CA ILE A 254 -16.44 14.38 -19.99
C ILE A 254 -15.64 14.77 -18.75
N TYR A 255 -14.69 13.92 -18.37
CA TYR A 255 -13.95 14.05 -17.11
C TYR A 255 -12.44 13.97 -17.26
N HIS A 256 -11.74 14.68 -16.38
CA HIS A 256 -10.29 14.58 -16.22
C HIS A 256 -10.12 14.19 -14.78
N GLY A 257 -9.81 12.91 -14.55
CA GLY A 257 -9.88 12.35 -13.22
C GLY A 257 -11.32 12.38 -12.72
N GLY A 258 -11.52 12.93 -11.53
CA GLY A 258 -12.84 13.21 -10.99
C GLY A 258 -13.42 14.59 -11.32
N GLU A 259 -12.73 15.37 -12.15
CA GLU A 259 -13.14 16.75 -12.49
C GLU A 259 -13.86 16.87 -13.84
N PRO A 260 -15.08 17.47 -13.84
CA PRO A 260 -15.75 17.67 -15.13
C PRO A 260 -15.06 18.70 -15.98
N LEU A 261 -14.94 18.43 -17.28
CA LEU A 261 -14.36 19.39 -18.23
C LEU A 261 -15.41 20.25 -18.94
N CYS A 262 -16.67 19.89 -18.78
CA CYS A 262 -17.82 20.63 -19.29
C CYS A 262 -19.03 20.12 -18.51
N ASP A 263 -20.21 20.62 -18.81
CA ASP A 263 -21.43 20.14 -18.15
C ASP A 263 -21.78 18.73 -18.61
N ASN A 264 -22.42 17.96 -17.73
CA ASN A 264 -23.01 16.67 -18.11
C ASN A 264 -24.11 16.85 -19.15
N VAL A 265 -24.37 15.80 -19.93
CA VAL A 265 -25.39 15.81 -20.98
C VAL A 265 -26.21 14.49 -20.96
N ASN A 266 -27.52 14.63 -20.75
CA ASN A 266 -28.48 13.52 -20.73
C ASN A 266 -29.09 13.28 -22.09
N THR A 267 -29.41 12.02 -22.40
CA THR A 267 -30.32 11.69 -23.52
C THR A 267 -31.77 12.02 -23.14
N GLN A 268 -32.65 11.97 -24.14
CA GLN A 268 -34.10 12.04 -23.92
C GLN A 268 -34.58 10.79 -23.18
N ARG A 269 -35.68 10.95 -22.43
CA ARG A 269 -36.24 9.88 -21.61
C ARG A 269 -36.95 8.84 -22.50
N VAL A 270 -36.95 7.60 -22.04
CA VAL A 270 -37.38 6.44 -22.83
C VAL A 270 -37.87 5.35 -21.86
N PRO A 271 -38.81 4.48 -22.30
CA PRO A 271 -39.21 3.33 -21.46
C PRO A 271 -38.17 2.20 -21.50
N CYS A 272 -37.97 1.55 -20.36
CA CYS A 272 -36.96 0.49 -20.23
C CYS A 272 -37.20 -0.75 -21.09
N SER A 273 -38.45 -0.98 -21.46
CA SER A 273 -38.84 -2.05 -22.38
C SER A 273 -38.31 -1.86 -23.82
N ASN A 274 -37.98 -0.63 -24.19
CA ASN A 274 -37.31 -0.35 -25.47
C ASN A 274 -36.21 0.72 -25.30
N PRO A 275 -35.00 0.30 -24.88
CA PRO A 275 -33.90 1.23 -24.66
C PRO A 275 -33.13 1.58 -25.96
N ARG A 276 -33.70 2.52 -26.70
CA ARG A 276 -33.12 3.02 -27.95
C ARG A 276 -33.23 4.54 -27.91
N TRP A 277 -32.10 5.22 -28.14
CA TRP A 277 -32.03 6.69 -28.09
C TRP A 277 -31.69 7.32 -29.43
N ASN A 278 -30.72 6.74 -30.14
CA ASN A 278 -30.26 7.26 -31.43
C ASN A 278 -30.11 8.80 -31.43
N GLU A 279 -29.48 9.30 -30.38
CA GLU A 279 -29.39 10.73 -30.07
C GLU A 279 -27.92 11.14 -29.98
N TRP A 280 -27.52 12.10 -30.81
CA TRP A 280 -26.20 12.74 -30.66
C TRP A 280 -26.22 13.73 -29.50
N LEU A 281 -25.31 13.55 -28.56
CA LEU A 281 -25.11 14.51 -27.47
C LEU A 281 -23.96 15.44 -27.82
N ASN A 282 -24.17 16.74 -27.64
CA ASN A 282 -23.15 17.77 -27.89
C ASN A 282 -22.62 18.29 -26.57
N TYR A 283 -21.30 18.40 -26.48
CA TYR A 283 -20.61 18.75 -25.24
C TYR A 283 -19.98 20.13 -25.40
N ASP A 284 -19.97 20.90 -24.31
CA ASP A 284 -19.43 22.25 -24.30
C ASP A 284 -17.88 22.22 -24.18
N ILE A 285 -17.23 21.66 -25.20
CA ILE A 285 -15.79 21.62 -25.27
C ILE A 285 -15.34 21.43 -26.72
N TYR A 286 -14.30 22.18 -27.06
CA TYR A 286 -13.67 22.17 -28.37
C TYR A 286 -12.69 20.97 -28.38
N ILE A 287 -12.64 20.25 -29.49
CA ILE A 287 -11.82 19.01 -29.58
C ILE A 287 -10.33 19.22 -29.28
N PRO A 288 -9.69 20.28 -29.83
CA PRO A 288 -8.31 20.60 -29.52
C PRO A 288 -8.00 20.87 -28.04
N ASP A 289 -9.02 21.22 -27.26
CA ASP A 289 -8.88 21.41 -25.81
C ASP A 289 -8.99 20.11 -24.98
N LEU A 290 -9.20 18.96 -25.61
CA LEU A 290 -9.32 17.71 -24.84
C LEU A 290 -7.96 17.33 -24.28
N PRO A 291 -7.83 17.26 -22.93
CA PRO A 291 -6.56 16.82 -22.37
C PRO A 291 -6.32 15.32 -22.62
N ARG A 292 -5.06 14.92 -22.56
CA ARG A 292 -4.64 13.56 -22.86
C ARG A 292 -5.38 12.45 -22.10
N ALA A 293 -5.66 12.68 -20.82
CA ALA A 293 -6.41 11.71 -19.98
C ALA A 293 -7.93 11.91 -19.92
N ALA A 294 -8.51 12.57 -20.93
CA ALA A 294 -9.94 12.84 -20.93
C ALA A 294 -10.70 11.54 -21.09
N ARG A 295 -11.74 11.38 -20.28
CA ARG A 295 -12.58 10.18 -20.29
C ARG A 295 -14.05 10.55 -20.48
N LEU A 296 -14.80 9.66 -21.13
CA LEU A 296 -16.27 9.71 -21.18
C LEU A 296 -16.74 8.83 -20.05
N CYS A 297 -17.57 9.40 -19.17
CA CYS A 297 -18.14 8.68 -18.06
C CYS A 297 -19.62 8.69 -18.29
N LEU A 298 -20.21 7.50 -18.35
CA LEU A 298 -21.65 7.40 -18.59
C LEU A 298 -22.33 6.42 -17.65
N SER A 299 -23.66 6.51 -17.64
CA SER A 299 -24.50 5.58 -16.90
C SER A 299 -25.85 5.44 -17.57
N ILE A 300 -26.62 4.46 -17.08
CA ILE A 300 -28.03 4.30 -17.39
C ILE A 300 -28.73 4.61 -16.09
N CYS A 301 -29.70 5.50 -16.14
CA CYS A 301 -30.42 5.92 -14.94
C CYS A 301 -31.92 5.73 -15.06
N SER A 302 -32.54 5.45 -13.91
CA SER A 302 -34.00 5.42 -13.76
C SER A 302 -34.43 6.63 -12.94
N VAL A 303 -35.63 7.14 -13.22
CA VAL A 303 -36.20 8.32 -12.54
C VAL A 303 -37.61 8.05 -12.05
N GLU A 311 -39.06 14.24 -8.30
CA GLU A 311 -38.40 13.21 -9.12
C GLU A 311 -37.13 12.68 -8.48
N GLU A 312 -37.07 11.37 -8.28
CA GLU A 312 -35.91 10.69 -7.71
C GLU A 312 -35.19 9.91 -8.79
N HIS A 313 -33.91 10.21 -8.98
CA HIS A 313 -33.07 9.56 -9.98
C HIS A 313 -32.22 8.47 -9.35
N CYS A 314 -32.04 7.37 -10.08
CA CYS A 314 -31.18 6.28 -9.65
C CYS A 314 -30.39 5.79 -10.87
N PRO A 315 -29.10 5.51 -10.71
CA PRO A 315 -28.33 4.87 -11.76
C PRO A 315 -28.46 3.34 -11.64
N LEU A 316 -28.80 2.69 -12.75
CA LEU A 316 -28.87 1.22 -12.78
C LEU A 316 -27.51 0.59 -13.10
N ALA A 317 -26.79 1.17 -14.08
CA ALA A 317 -25.47 0.67 -14.49
C ALA A 317 -24.59 1.81 -15.00
N TRP A 318 -23.28 1.67 -14.83
CA TRP A 318 -22.31 2.71 -15.19
C TRP A 318 -21.12 2.14 -15.95
N GLY A 319 -20.46 3.01 -16.71
CA GLY A 319 -19.20 2.66 -17.38
C GLY A 319 -18.42 3.88 -17.83
N ASN A 320 -17.10 3.75 -17.84
CA ASN A 320 -16.21 4.81 -18.32
C ASN A 320 -15.29 4.33 -19.41
N ILE A 321 -14.92 5.23 -20.31
CA ILE A 321 -13.93 4.92 -21.34
C ILE A 321 -12.98 6.07 -21.60
N ASN A 322 -11.75 5.72 -21.98
CA ASN A 322 -10.75 6.68 -22.36
C ASN A 322 -11.07 7.25 -23.73
N LEU A 323 -11.01 8.59 -23.85
CA LEU A 323 -11.30 9.23 -25.14
C LEU A 323 -10.17 9.07 -26.12
N PHE A 324 -8.96 8.85 -25.60
CA PHE A 324 -7.81 8.43 -26.40
C PHE A 324 -7.38 7.02 -25.99
N ASP A 325 -6.98 6.21 -26.97
CA ASP A 325 -6.50 4.84 -26.68
C ASP A 325 -5.03 4.85 -26.33
N TYR A 326 -4.48 3.67 -26.05
CA TYR A 326 -3.08 3.54 -25.65
C TYR A 326 -2.05 3.96 -26.69
N THR A 327 -2.44 4.06 -27.98
CA THR A 327 -1.56 4.59 -29.03
C THR A 327 -1.65 6.13 -29.26
N ASP A 328 -2.37 6.85 -28.39
CA ASP A 328 -2.64 8.30 -28.55
C ASP A 328 -3.70 8.65 -29.59
N THR A 329 -4.51 7.68 -30.00
CA THR A 329 -5.54 7.89 -31.01
C THR A 329 -6.89 8.23 -30.35
N LEU A 330 -7.51 9.30 -30.83
CA LEU A 330 -8.86 9.64 -30.41
C LEU A 330 -9.79 8.54 -30.91
N VAL A 331 -10.71 8.09 -30.06
CA VAL A 331 -11.63 7.02 -30.44
C VAL A 331 -12.50 7.53 -31.60
N SER A 332 -12.80 6.64 -32.54
CA SER A 332 -13.63 6.97 -33.70
C SER A 332 -14.30 5.72 -34.21
N GLY A 333 -15.60 5.82 -34.50
CA GLY A 333 -16.39 4.70 -35.02
C GLY A 333 -17.33 4.20 -33.95
N LYS A 334 -17.86 2.99 -34.19
CA LYS A 334 -18.83 2.36 -33.30
C LYS A 334 -18.11 1.61 -32.17
N MET A 335 -18.78 1.47 -31.03
CA MET A 335 -18.18 0.85 -29.85
C MET A 335 -19.28 0.34 -28.94
N ALA A 336 -19.06 -0.86 -28.40
CA ALA A 336 -19.99 -1.50 -27.47
C ALA A 336 -19.32 -1.52 -26.11
N LEU A 337 -20.01 -1.04 -25.10
CA LEU A 337 -19.47 -0.97 -23.75
C LEU A 337 -20.38 -1.73 -22.80
N ASN A 338 -19.88 -2.84 -22.23
CA ASN A 338 -20.59 -3.54 -21.16
C ASN A 338 -20.38 -2.83 -19.83
N LEU A 339 -21.47 -2.61 -19.11
CA LEU A 339 -21.53 -1.75 -17.94
C LEU A 339 -21.43 -2.53 -16.67
N TRP A 340 -21.20 -1.81 -15.57
CA TRP A 340 -20.98 -2.39 -14.24
C TRP A 340 -22.12 -2.09 -13.33
N PRO A 341 -22.31 -2.92 -12.30
CA PRO A 341 -23.37 -2.64 -11.32
C PRO A 341 -22.97 -1.51 -10.39
N VAL A 342 -23.96 -0.78 -9.89
CA VAL A 342 -23.73 0.29 -8.93
C VAL A 342 -23.35 -0.30 -7.55
N PRO A 343 -22.33 0.28 -6.88
CA PRO A 343 -22.08 -0.10 -5.49
C PRO A 343 -22.90 0.75 -4.55
N HIS A 344 -23.52 0.12 -3.54
CA HIS A 344 -24.32 0.86 -2.55
C HIS A 344 -23.42 1.65 -1.60
N GLY A 345 -23.85 2.86 -1.27
CA GLY A 345 -23.02 3.87 -0.60
C GLY A 345 -22.80 5.05 -1.54
N LEU A 346 -22.44 4.73 -2.78
CA LEU A 346 -22.46 5.71 -3.87
C LEU A 346 -23.90 5.84 -4.36
N GLU A 347 -24.45 7.05 -4.24
CA GLU A 347 -25.77 7.39 -4.80
C GLU A 347 -25.72 8.41 -5.95
N ASP A 348 -24.54 8.98 -6.23
CA ASP A 348 -24.37 9.91 -7.36
C ASP A 348 -24.64 9.18 -8.68
N LEU A 349 -25.04 9.96 -9.69
CA LEU A 349 -25.53 9.40 -10.95
C LEU A 349 -24.43 8.85 -11.88
N LEU A 350 -23.29 9.53 -11.93
CA LEU A 350 -22.09 9.02 -12.62
C LEU A 350 -21.04 8.54 -11.63
N ASN A 351 -20.07 7.81 -12.14
CA ASN A 351 -19.01 7.21 -11.33
C ASN A 351 -17.63 7.39 -11.99
N PRO A 352 -17.16 8.65 -12.08
CA PRO A 352 -15.88 8.92 -12.74
C PRO A 352 -14.65 8.36 -12.05
N ILE A 353 -14.70 8.16 -10.74
CA ILE A 353 -13.62 7.54 -9.97
C ILE A 353 -13.59 6.02 -10.21
N GLY A 354 -14.71 5.44 -10.64
CA GLY A 354 -14.76 4.02 -11.04
C GLY A 354 -13.79 3.62 -12.14
N VAL A 355 -13.61 2.31 -12.27
CA VAL A 355 -12.71 1.75 -13.25
C VAL A 355 -13.15 2.13 -14.66
N THR A 356 -12.17 2.22 -15.55
CA THR A 356 -12.38 2.56 -16.93
C THR A 356 -12.24 1.28 -17.74
N GLY A 357 -13.10 1.13 -18.76
CA GLY A 357 -13.12 -0.07 -19.61
C GLY A 357 -14.37 -0.91 -19.48
N SER A 358 -14.48 -1.89 -20.36
CA SER A 358 -15.70 -2.69 -20.52
C SER A 358 -15.73 -3.86 -19.53
N ASN A 359 -16.93 -4.11 -18.99
CA ASN A 359 -17.17 -5.25 -18.11
C ASN A 359 -16.81 -6.57 -18.83
N PRO A 360 -15.95 -7.41 -18.21
CA PRO A 360 -15.66 -8.73 -18.81
C PRO A 360 -16.88 -9.64 -18.90
N ASN A 361 -17.77 -9.56 -17.92
CA ASN A 361 -19.05 -10.26 -17.96
C ASN A 361 -19.93 -9.61 -19.05
N LYS A 362 -20.10 -10.33 -20.16
CA LYS A 362 -20.84 -9.87 -21.34
C LYS A 362 -22.35 -10.12 -21.29
N GLU A 363 -22.85 -10.62 -20.16
CA GLU A 363 -24.27 -10.83 -19.91
C GLU A 363 -24.73 -9.74 -18.95
N THR A 364 -24.59 -8.50 -19.41
CA THR A 364 -24.78 -7.31 -18.61
C THR A 364 -25.22 -6.21 -19.54
N PRO A 365 -25.83 -5.14 -19.00
CA PRO A 365 -26.21 -4.03 -19.86
C PRO A 365 -25.06 -3.59 -20.77
N CYS A 366 -25.28 -3.66 -22.08
CA CYS A 366 -24.30 -3.30 -23.10
C CYS A 366 -24.79 -2.13 -23.90
N LEU A 367 -24.15 -0.98 -23.70
CA LEU A 367 -24.52 0.26 -24.35
C LEU A 367 -23.66 0.40 -25.59
N GLU A 368 -24.30 0.68 -26.74
CA GLU A 368 -23.58 0.88 -27.98
C GLU A 368 -23.48 2.36 -28.23
N LEU A 369 -22.34 2.77 -28.76
CA LEU A 369 -21.99 4.17 -28.88
C LEU A 369 -21.36 4.37 -30.22
N GLU A 370 -21.40 5.62 -30.67
CA GLU A 370 -20.69 5.99 -31.88
C GLU A 370 -20.04 7.34 -31.67
N PHE A 371 -18.79 7.41 -32.11
CA PHE A 371 -18.01 8.61 -32.04
C PHE A 371 -17.99 9.29 -33.38
N ASP A 372 -17.57 10.54 -33.36
CA ASP A 372 -17.52 11.39 -34.54
C ASP A 372 -16.37 10.93 -35.43
N TRP A 373 -16.50 11.20 -36.73
CA TRP A 373 -15.52 10.77 -37.74
C TRP A 373 -15.06 12.00 -38.54
N PHE A 374 -13.74 12.08 -38.77
CA PHE A 374 -13.11 13.24 -39.41
C PHE A 374 -12.27 12.84 -40.63
N SER A 375 -12.74 11.83 -41.37
CA SER A 375 -12.09 11.34 -42.61
C SER A 375 -10.61 10.93 -42.46
N SER A 376 -10.17 10.75 -41.22
CA SER A 376 -8.75 10.64 -40.89
C SER A 376 -8.57 10.15 -39.46
N VAL A 377 -7.48 9.42 -39.23
CA VAL A 377 -7.08 9.04 -37.89
C VAL A 377 -6.64 10.33 -37.19
N VAL A 378 -7.25 10.62 -36.05
CA VAL A 378 -6.93 11.78 -35.23
C VAL A 378 -6.05 11.32 -34.06
N LYS A 379 -4.86 11.90 -33.94
CA LYS A 379 -3.90 11.57 -32.88
C LYS A 379 -3.56 12.77 -32.00
N PHE A 380 -3.34 12.52 -30.70
CA PHE A 380 -2.88 13.54 -29.75
C PHE A 380 -1.50 14.02 -30.20
N PRO A 381 -1.22 15.34 -30.13
CA PRO A 381 0.03 15.84 -30.70
C PRO A 381 1.30 15.44 -29.95
N ASP A 382 2.41 15.39 -30.69
N ASP A 382 2.41 15.38 -30.70
CA ASP A 382 3.73 15.09 -30.14
CA ASP A 382 3.75 15.07 -30.18
C ASP A 382 4.21 16.17 -29.19
C ASP A 382 4.23 16.17 -29.22
N MET A 383 5.17 15.82 -28.33
CA MET A 383 5.76 16.79 -27.40
C MET A 383 6.41 18.01 -28.04
N SER A 384 7.04 17.84 -29.20
CA SER A 384 7.69 18.95 -29.89
C SER A 384 6.65 20.01 -30.34
N VAL A 385 5.50 19.55 -30.84
CA VAL A 385 4.38 20.43 -31.18
C VAL A 385 3.81 21.12 -29.94
N ILE A 386 3.71 20.37 -28.84
CA ILE A 386 3.22 20.90 -27.57
C ILE A 386 4.18 21.94 -26.99
N GLU A 387 5.48 21.65 -26.99
CA GLU A 387 6.51 22.61 -26.52
C GLU A 387 6.54 23.93 -27.29
N GLU A 388 6.41 23.84 -28.61
CA GLU A 388 6.38 25.01 -29.48
C GLU A 388 5.19 25.91 -29.14
N HIS A 389 4.03 25.30 -28.93
CA HIS A 389 2.83 26.02 -28.50
C HIS A 389 2.99 26.68 -27.14
N ALA A 390 3.53 25.96 -26.18
CA ALA A 390 3.86 26.51 -24.86
C ALA A 390 4.78 27.72 -24.94
N ASN A 391 5.89 27.59 -25.67
CA ASN A 391 6.80 28.72 -25.91
C ASN A 391 6.15 29.92 -26.63
N TRP A 392 5.30 29.66 -27.61
CA TRP A 392 4.48 30.72 -28.23
C TRP A 392 3.62 31.46 -27.18
N SER A 393 2.93 30.71 -26.32
CA SER A 393 2.07 31.30 -25.24
C SER A 393 2.85 32.11 -24.23
N VAL A 394 3.98 31.56 -23.77
CA VAL A 394 4.84 32.26 -22.78
C VAL A 394 5.37 33.60 -23.33
N SER A 395 5.81 33.58 -24.59
CA SER A 395 6.31 34.75 -25.31
C SER A 395 5.21 35.81 -25.49
N ARG A 396 4.04 35.35 -25.92
CA ARG A 396 2.83 36.15 -26.00
C ARG A 396 2.48 36.81 -24.65
N GLU A 397 2.47 36.03 -23.56
CA GLU A 397 2.06 36.55 -22.24
C GLU A 397 3.07 37.55 -21.71
N ALA A 398 4.34 37.31 -21.97
CA ALA A 398 5.39 38.22 -21.53
C ALA A 398 5.29 39.62 -22.19
N GLY A 399 4.64 39.70 -23.35
CA GLY A 399 4.38 40.98 -24.03
C GLY A 399 3.11 41.73 -23.61
N PHE A 400 2.32 41.15 -22.71
CA PHE A 400 1.01 41.71 -22.32
C PHE A 400 1.16 42.97 -21.48
N SER A 401 0.46 44.04 -21.89
CA SER A 401 0.44 45.29 -21.14
C SER A 401 -0.27 45.13 -19.81
N TYR A 402 -0.11 46.14 -18.97
CA TYR A 402 -0.81 46.27 -17.70
C TYR A 402 -2.30 46.04 -17.84
N SER A 403 -2.92 46.75 -18.78
CA SER A 403 -4.37 46.67 -18.97
C SER A 403 -4.84 45.31 -19.50
N HIS A 404 -4.07 44.71 -20.41
CA HIS A 404 -4.37 43.36 -20.92
C HIS A 404 -4.40 42.35 -19.76
N ALA A 405 -3.36 42.34 -18.95
CA ALA A 405 -3.25 41.42 -17.81
C ALA A 405 -4.39 41.60 -16.83
N GLY A 406 -4.85 42.85 -16.69
CA GLY A 406 -6.03 43.20 -15.90
C GLY A 406 -7.34 42.52 -16.28
N LEU A 407 -7.44 42.08 -17.55
CA LEU A 407 -8.65 41.39 -18.04
C LEU A 407 -8.93 40.03 -17.40
N SER A 408 -7.90 39.37 -16.83
CA SER A 408 -8.08 38.04 -16.24
C SER A 408 -7.22 37.86 -15.00
N ASN A 409 -7.83 37.38 -13.92
CA ASN A 409 -7.07 37.02 -12.70
C ASN A 409 -6.06 35.87 -12.87
N ARG A 410 -6.18 35.11 -13.95
CA ARG A 410 -5.20 34.08 -14.30
C ARG A 410 -3.95 34.63 -15.00
N LEU A 411 -3.96 35.92 -15.35
CA LEU A 411 -2.78 36.59 -15.95
C LEU A 411 -2.15 37.50 -14.91
N ALA A 412 -0.83 37.44 -14.78
CA ALA A 412 -0.10 38.41 -13.99
C ALA A 412 1.15 38.84 -14.74
N ARG A 413 1.71 39.96 -14.34
CA ARG A 413 2.96 40.46 -14.91
C ARG A 413 4.10 40.20 -13.94
N ASP A 414 5.30 39.99 -14.50
CA ASP A 414 6.50 39.61 -13.75
C ASP A 414 6.85 40.62 -12.66
N ASN A 415 6.94 41.89 -13.04
CA ASN A 415 7.25 43.00 -12.12
C ASN A 415 6.34 43.11 -10.89
N GLU A 416 5.07 42.76 -11.06
CA GLU A 416 4.04 42.86 -10.00
C GLU A 416 4.27 41.97 -8.79
N LEU A 417 4.96 40.84 -8.95
CA LEU A 417 5.11 39.86 -7.86
C LEU A 417 5.84 40.43 -6.64
N ARG A 418 5.07 40.65 -5.58
CA ARG A 418 5.57 41.22 -4.34
C ARG A 418 5.92 40.13 -3.34
N GLU A 419 6.68 40.49 -2.31
CA GLU A 419 7.05 39.56 -1.23
C GLU A 419 5.84 38.99 -0.49
N ASN A 420 4.78 39.78 -0.37
CA ASN A 420 3.53 39.35 0.23
C ASN A 420 2.83 38.22 -0.55
N ASP A 421 2.93 38.28 -1.87
CA ASP A 421 2.40 37.22 -2.74
C ASP A 421 3.22 35.93 -2.59
N LYS A 422 4.54 36.09 -2.47
CA LYS A 422 5.47 34.99 -2.22
C LYS A 422 5.18 34.26 -0.91
N GLU A 423 4.86 35.03 0.14
CA GLU A 423 4.51 34.44 1.44
C GLU A 423 3.20 33.68 1.38
N GLN A 424 2.24 34.22 0.63
CA GLN A 424 0.94 33.57 0.45
C GLN A 424 1.09 32.24 -0.29
N LEU A 425 1.97 32.22 -1.29
CA LEU A 425 2.26 30.99 -2.03
C LEU A 425 2.87 29.95 -1.12
N LYS A 426 3.91 30.34 -0.39
CA LYS A 426 4.54 29.49 0.64
C LYS A 426 3.51 28.94 1.63
N ALA A 427 2.59 29.79 2.07
CA ALA A 427 1.53 29.39 2.99
C ALA A 427 0.59 28.36 2.36
N ILE A 428 0.19 28.58 1.10
CA ILE A 428 -0.63 27.60 0.37
C ILE A 428 0.07 26.25 0.24
N SER A 429 1.40 26.26 0.02
CA SER A 429 2.18 25.03 -0.14
C SER A 429 2.25 24.16 1.11
N THR A 430 2.13 24.74 2.30
CA THR A 430 2.20 23.97 3.56
C THR A 430 0.85 23.41 4.02
N ARG A 431 -0.23 23.69 3.28
CA ARG A 431 -1.54 23.15 3.60
C ARG A 431 -1.61 21.70 3.20
N ASP A 432 -2.44 20.92 3.88
CA ASP A 432 -2.52 19.48 3.63
C ASP A 432 -3.20 19.16 2.30
N PRO A 433 -3.02 17.92 1.76
CA PRO A 433 -3.57 17.56 0.45
C PRO A 433 -5.06 17.73 0.24
N LEU A 434 -5.86 17.61 1.30
CA LEU A 434 -7.32 17.70 1.18
C LEU A 434 -7.88 19.05 1.63
N SER A 435 -6.99 20.01 1.89
CA SER A 435 -7.39 21.39 2.17
C SER A 435 -7.92 22.01 0.87
N GLU A 436 -9.06 22.68 0.95
CA GLU A 436 -9.71 23.22 -0.23
C GLU A 436 -8.87 24.36 -0.82
N ILE A 437 -8.80 24.38 -2.13
CA ILE A 437 -8.14 25.50 -2.82
C ILE A 437 -9.27 26.24 -3.50
N THR A 438 -9.49 27.48 -3.09
CA THR A 438 -10.57 28.28 -3.67
C THR A 438 -10.25 28.63 -5.10
N GLU A 439 -11.29 29.02 -5.84
CA GLU A 439 -11.12 29.45 -7.22
C GLU A 439 -10.15 30.65 -7.31
N GLN A 440 -10.20 31.52 -6.30
CA GLN A 440 -9.32 32.70 -6.26
C GLN A 440 -7.87 32.31 -6.05
N GLU A 441 -7.62 31.35 -5.17
CA GLU A 441 -6.30 30.77 -4.99
C GLU A 441 -5.80 30.04 -6.23
N LYS A 442 -6.69 29.33 -6.91
CA LYS A 442 -6.32 28.62 -8.15
C LYS A 442 -5.83 29.60 -9.22
N ASP A 443 -6.61 30.65 -9.47
CA ASP A 443 -6.18 31.78 -10.34
C ASP A 443 -4.85 32.37 -9.94
N PHE A 444 -4.68 32.57 -8.63
CA PHE A 444 -3.46 33.11 -8.06
C PHE A 444 -2.26 32.21 -8.30
N LEU A 445 -2.40 30.92 -8.00
CA LEU A 445 -1.32 29.94 -8.24
C LEU A 445 -0.94 29.86 -9.73
N TRP A 446 -1.95 29.74 -10.59
CA TRP A 446 -1.68 29.60 -12.01
C TRP A 446 -0.93 30.83 -12.54
N SER A 447 -1.34 32.03 -12.10
CA SER A 447 -0.71 33.27 -12.56
C SER A 447 0.73 33.42 -12.10
N HIS A 448 1.08 32.81 -10.96
CA HIS A 448 2.45 32.80 -10.45
C HIS A 448 3.16 31.45 -10.56
N ARG A 449 2.82 30.71 -11.61
CA ARG A 449 3.34 29.37 -11.86
C ARG A 449 4.86 29.30 -12.05
N HIS A 450 5.45 30.37 -12.58
CA HIS A 450 6.90 30.40 -12.80
C HIS A 450 7.65 30.56 -11.50
N TYR A 451 7.10 31.34 -10.57
CA TYR A 451 7.63 31.43 -9.24
C TYR A 451 7.47 30.12 -8.45
N CYS A 452 6.36 29.40 -8.66
CA CYS A 452 6.13 28.08 -8.03
C CYS A 452 7.24 27.05 -8.25
N VAL A 453 8.01 27.19 -9.34
CA VAL A 453 9.20 26.36 -9.60
C VAL A 453 10.21 26.45 -8.44
N THR A 454 10.30 27.61 -7.79
CA THR A 454 11.24 27.84 -6.68
C THR A 454 10.77 27.25 -5.36
N ILE A 455 9.51 26.85 -5.28
CA ILE A 455 8.95 26.13 -4.12
C ILE A 455 8.32 24.86 -4.67
N PRO A 456 9.15 23.87 -5.06
CA PRO A 456 8.67 22.72 -5.86
C PRO A 456 7.63 21.82 -5.18
N GLU A 457 7.55 21.82 -3.85
CA GLU A 457 6.51 21.05 -3.13
C GLU A 457 5.07 21.56 -3.36
N ILE A 458 4.91 22.76 -3.92
CA ILE A 458 3.59 23.28 -4.28
C ILE A 458 3.01 22.62 -5.53
N LEU A 459 3.78 21.76 -6.23
CA LEU A 459 3.30 21.19 -7.50
C LEU A 459 1.86 20.60 -7.49
N PRO A 460 1.53 19.73 -6.51
CA PRO A 460 0.16 19.18 -6.49
C PRO A 460 -0.96 20.25 -6.48
N LYS A 461 -0.74 21.35 -5.76
CA LYS A 461 -1.72 22.45 -5.66
C LYS A 461 -1.79 23.23 -6.98
N LEU A 462 -0.64 23.50 -7.56
CA LEU A 462 -0.56 24.12 -8.87
C LEU A 462 -1.29 23.27 -9.90
N LEU A 463 -1.09 21.95 -9.86
CA LEU A 463 -1.70 21.09 -10.88
C LEU A 463 -3.24 21.08 -10.81
N LEU A 464 -3.79 21.14 -9.59
CA LEU A 464 -5.25 21.28 -9.41
C LEU A 464 -5.80 22.68 -9.72
N SER A 465 -4.92 23.64 -9.98
CA SER A 465 -5.33 24.99 -10.39
C SER A 465 -5.33 25.18 -11.89
N VAL A 466 -4.79 24.20 -12.63
CA VAL A 466 -4.70 24.25 -14.09
C VAL A 466 -6.08 24.08 -14.68
N LYS A 467 -6.40 24.84 -15.73
CA LYS A 467 -7.61 24.54 -16.51
C LYS A 467 -7.29 23.43 -17.47
N TRP A 468 -7.70 22.21 -17.10
CA TRP A 468 -7.37 21.01 -17.90
C TRP A 468 -8.15 20.93 -19.21
N ASN A 469 -9.21 21.72 -19.34
CA ASN A 469 -9.93 21.89 -20.61
C ASN A 469 -9.42 23.04 -21.50
N SER A 470 -8.19 23.50 -21.25
CA SER A 470 -7.53 24.51 -22.10
C SER A 470 -6.15 24.01 -22.52
N ARG A 471 -5.99 23.70 -23.80
CA ARG A 471 -4.70 23.26 -24.36
C ARG A 471 -3.58 24.29 -24.21
N ASP A 472 -3.94 25.58 -24.24
N ASP A 472 -3.95 25.56 -24.24
CA ASP A 472 -3.01 26.67 -23.99
CA ASP A 472 -3.02 26.65 -23.98
C ASP A 472 -2.37 26.58 -22.60
C ASP A 472 -2.37 26.56 -22.61
N GLU A 473 -3.19 26.33 -21.59
CA GLU A 473 -2.68 26.15 -20.23
C GLU A 473 -1.93 24.83 -20.04
N VAL A 474 -2.52 23.74 -20.53
CA VAL A 474 -1.96 22.41 -20.30
C VAL A 474 -0.58 22.28 -20.98
N ALA A 475 -0.43 22.79 -22.20
CA ALA A 475 0.87 22.77 -22.89
C ALA A 475 1.98 23.45 -22.06
N GLN A 476 1.65 24.61 -21.48
CA GLN A 476 2.56 25.28 -20.55
C GLN A 476 2.80 24.47 -19.27
N MET A 477 1.76 23.81 -18.74
CA MET A 477 1.96 22.94 -17.57
C MET A 477 2.92 21.79 -17.89
N TYR A 478 2.76 21.17 -19.04
CA TYR A 478 3.70 20.13 -19.51
C TYR A 478 5.16 20.57 -19.48
N CYS A 479 5.45 21.75 -20.04
CA CYS A 479 6.82 22.27 -20.06
C CYS A 479 7.38 22.58 -18.66
N LEU A 480 6.51 23.04 -17.76
CA LEU A 480 6.90 23.22 -16.36
C LEU A 480 7.18 21.89 -15.66
N VAL A 481 6.34 20.89 -15.93
CA VAL A 481 6.51 19.55 -15.36
C VAL A 481 7.83 18.93 -15.85
N LYS A 482 8.06 19.00 -17.16
CA LYS A 482 9.28 18.46 -17.80
C LYS A 482 10.58 18.84 -17.07
N ASP A 483 10.69 20.11 -16.65
CA ASP A 483 11.87 20.62 -15.95
C ASP A 483 11.64 20.92 -14.46
N TRP A 484 10.55 20.41 -13.88
CA TRP A 484 10.25 20.65 -12.47
C TRP A 484 11.31 20.02 -11.56
N PRO A 485 11.76 20.74 -10.52
CA PRO A 485 12.75 20.16 -9.61
C PRO A 485 12.24 18.92 -8.88
N PRO A 486 13.15 18.01 -8.50
CA PRO A 486 12.72 16.78 -7.82
C PRO A 486 12.05 17.06 -6.48
N ILE A 487 11.02 16.30 -6.15
CA ILE A 487 10.37 16.34 -4.83
C ILE A 487 10.55 14.98 -4.12
N LYS A 488 10.36 14.97 -2.80
CA LYS A 488 10.49 13.75 -1.99
C LYS A 488 9.50 12.67 -2.46
N PRO A 489 9.91 11.39 -2.44
CA PRO A 489 9.01 10.29 -2.82
C PRO A 489 7.68 10.33 -2.12
N GLU A 490 7.66 10.68 -0.85
CA GLU A 490 6.40 10.81 -0.08
C GLU A 490 5.45 11.82 -0.70
N GLN A 491 6.00 12.92 -1.20
CA GLN A 491 5.21 13.95 -1.87
C GLN A 491 4.86 13.49 -3.29
N ALA A 492 5.81 12.86 -3.97
CA ALA A 492 5.59 12.34 -5.32
C ALA A 492 4.45 11.31 -5.41
N MET A 493 4.30 10.50 -4.36
CA MET A 493 3.27 9.45 -4.32
C MET A 493 1.84 10.00 -4.45
N GLU A 494 1.61 11.18 -3.88
CA GLU A 494 0.33 11.88 -4.06
C GLU A 494 -0.07 12.01 -5.54
N LEU A 495 0.91 12.29 -6.38
CA LEU A 495 0.67 12.53 -7.80
C LEU A 495 0.37 11.28 -8.61
N LEU A 496 0.31 10.13 -7.92
CA LEU A 496 -0.13 8.88 -8.51
C LEU A 496 -1.54 8.48 -8.10
N ASP A 497 -2.19 9.27 -7.24
CA ASP A 497 -3.55 8.96 -6.83
C ASP A 497 -4.57 9.38 -7.91
N CYS A 498 -5.84 9.21 -7.59
CA CYS A 498 -6.95 9.41 -8.53
C CYS A 498 -7.17 10.86 -8.90
N ASN A 499 -6.63 11.80 -8.13
CA ASN A 499 -6.64 13.24 -8.49
C ASN A 499 -5.68 13.68 -9.64
N TYR A 500 -4.76 12.82 -10.08
CA TYR A 500 -3.70 13.19 -11.06
C TYR A 500 -3.61 12.16 -12.16
N PRO A 501 -4.54 12.24 -13.13
CA PRO A 501 -4.57 11.25 -14.22
C PRO A 501 -3.60 11.53 -15.37
N ASP A 502 -3.09 12.75 -15.46
CA ASP A 502 -2.27 13.12 -16.62
C ASP A 502 -0.95 12.31 -16.66
N PRO A 503 -0.64 11.71 -17.82
CA PRO A 503 0.56 10.86 -17.87
C PRO A 503 1.89 11.58 -17.70
N MET A 504 1.95 12.88 -18.00
CA MET A 504 3.19 13.65 -17.76
C MET A 504 3.42 13.90 -16.27
N VAL A 505 2.34 14.19 -15.55
CA VAL A 505 2.38 14.37 -14.11
C VAL A 505 2.81 13.06 -13.42
N ARG A 506 2.19 11.97 -13.84
CA ARG A 506 2.47 10.66 -13.29
C ARG A 506 3.88 10.21 -13.64
N GLY A 507 4.33 10.49 -14.87
CA GLY A 507 5.70 10.20 -15.26
C GLY A 507 6.74 10.93 -14.43
N PHE A 508 6.44 12.20 -14.12
CA PHE A 508 7.25 12.96 -13.17
C PHE A 508 7.28 12.32 -11.77
N ALA A 509 6.13 11.84 -11.32
CA ALA A 509 6.04 11.14 -10.03
C ALA A 509 6.95 9.91 -10.00
N VAL A 510 6.93 9.15 -11.09
CA VAL A 510 7.69 7.93 -11.19
C VAL A 510 9.18 8.20 -11.22
N ARG A 511 9.59 9.23 -11.97
CA ARG A 511 11.02 9.64 -12.02
C ARG A 511 11.54 10.02 -10.63
N CYS A 512 10.70 10.70 -9.84
CA CYS A 512 11.01 10.96 -8.44
C CYS A 512 11.25 9.68 -7.58
N LEU A 513 10.42 8.67 -7.78
CA LEU A 513 10.57 7.38 -7.06
C LEU A 513 11.82 6.65 -7.52
N GLU A 514 12.04 6.63 -8.82
CA GLU A 514 13.25 6.02 -9.38
C GLU A 514 14.53 6.64 -8.84
N LYS A 515 14.58 7.98 -8.72
CA LYS A 515 15.78 8.67 -8.20
C LYS A 515 15.91 8.55 -6.68
N TYR A 516 14.80 8.67 -5.94
CA TYR A 516 14.86 8.84 -4.49
C TYR A 516 14.24 7.76 -3.59
N LEU A 517 13.52 6.77 -4.14
CA LEU A 517 12.82 5.81 -3.27
C LEU A 517 13.74 4.64 -3.00
N THR A 518 14.10 4.43 -1.73
CA THR A 518 14.94 3.26 -1.37
C THR A 518 14.10 2.00 -1.43
N ASP A 519 14.77 0.86 -1.60
CA ASP A 519 14.09 -0.46 -1.54
C ASP A 519 13.36 -0.65 -0.22
N ASP A 520 13.95 -0.14 0.89
CA ASP A 520 13.30 -0.16 2.19
C ASP A 520 11.92 0.54 2.17
N LYS A 521 11.87 1.77 1.65
CA LYS A 521 10.61 2.54 1.61
C LYS A 521 9.65 2.03 0.55
N LEU A 522 10.17 1.48 -0.54
CA LEU A 522 9.33 0.86 -1.55
C LEU A 522 8.57 -0.33 -0.91
N SER A 523 9.28 -1.18 -0.18
CA SER A 523 8.66 -2.28 0.56
C SER A 523 7.59 -1.78 1.51
N GLN A 524 7.91 -0.71 2.21
CA GLN A 524 7.02 -0.12 3.19
C GLN A 524 5.71 0.44 2.54
N TYR A 525 5.81 1.01 1.33
CA TYR A 525 4.66 1.64 0.65
C TYR A 525 4.10 0.83 -0.52
N LEU A 526 4.47 -0.45 -0.62
CA LEU A 526 4.15 -1.27 -1.76
C LEU A 526 2.66 -1.45 -1.97
N ILE A 527 1.93 -1.68 -0.88
CA ILE A 527 0.47 -1.82 -0.87
C ILE A 527 -0.19 -0.66 -1.65
N GLN A 528 0.20 0.56 -1.32
CA GLN A 528 -0.31 1.76 -2.01
C GLN A 528 0.11 1.84 -3.47
N LEU A 529 1.38 1.52 -3.73
CA LEU A 529 1.92 1.59 -5.10
C LEU A 529 1.25 0.57 -6.02
N VAL A 530 0.94 -0.60 -5.48
CA VAL A 530 0.16 -1.59 -6.21
C VAL A 530 -1.25 -1.07 -6.50
N GLN A 531 -1.91 -0.50 -5.49
CA GLN A 531 -3.26 0.02 -5.65
C GLN A 531 -3.39 1.10 -6.70
N VAL A 532 -2.44 2.03 -6.76
CA VAL A 532 -2.52 3.13 -7.74
C VAL A 532 -2.27 2.70 -9.19
N LEU A 533 -1.77 1.47 -9.39
CA LEU A 533 -1.79 0.83 -10.74
C LEU A 533 -3.18 0.81 -11.37
N LYS A 534 -4.20 0.67 -10.53
CA LYS A 534 -5.61 0.65 -10.97
C LYS A 534 -6.11 1.94 -11.59
N TYR A 535 -5.48 3.06 -11.24
CA TYR A 535 -5.82 4.37 -11.79
C TYR A 535 -5.16 4.67 -13.11
N GLU A 536 -4.27 3.80 -13.58
CA GLU A 536 -3.61 4.00 -14.87
C GLU A 536 -4.62 3.76 -15.98
N GLN A 537 -4.66 4.68 -16.93
CA GLN A 537 -5.50 4.55 -18.13
C GLN A 537 -5.18 3.28 -18.93
N TYR A 538 -3.88 2.99 -19.07
CA TYR A 538 -3.37 1.93 -19.95
C TYR A 538 -2.59 0.84 -19.17
N LEU A 539 -2.51 -0.34 -19.79
CA LEU A 539 -1.79 -1.48 -19.22
C LEU A 539 -0.29 -1.15 -19.14
N ASP A 540 0.26 -0.63 -20.24
CA ASP A 540 1.67 -0.28 -20.31
C ASP A 540 1.86 1.17 -19.92
N ASN A 541 2.64 1.42 -18.87
CA ASN A 541 2.86 2.78 -18.38
C ASN A 541 4.15 2.81 -17.59
N LEU A 542 4.60 4.00 -17.20
CA LEU A 542 5.88 4.13 -16.51
C LEU A 542 5.85 3.53 -15.09
N LEU A 543 4.73 3.62 -14.40
CA LEU A 543 4.66 3.12 -13.01
C LEU A 543 4.82 1.61 -12.95
N VAL A 544 4.03 0.91 -13.77
CA VAL A 544 4.07 -0.54 -13.80
C VAL A 544 5.44 -1.06 -14.25
N ARG A 545 6.14 -0.31 -15.12
CA ARG A 545 7.50 -0.66 -15.53
C ARG A 545 8.52 -0.52 -14.39
N PHE A 546 8.37 0.54 -13.61
CA PHE A 546 9.18 0.77 -12.42
C PHE A 546 8.95 -0.34 -11.38
N LEU A 547 7.69 -0.67 -11.10
CA LEU A 547 7.39 -1.64 -10.04
C LEU A 547 7.82 -3.04 -10.43
N LEU A 548 7.60 -3.39 -11.69
CA LEU A 548 7.96 -4.70 -12.17
C LEU A 548 9.48 -4.88 -12.11
N LYS A 549 10.23 -3.86 -12.55
CA LYS A 549 11.71 -3.92 -12.52
C LYS A 549 12.22 -4.16 -11.12
N LYS A 550 11.71 -3.38 -10.18
CA LYS A 550 12.02 -3.56 -8.78
C LYS A 550 11.64 -4.94 -8.21
N ALA A 551 10.46 -5.43 -8.58
CA ALA A 551 10.03 -6.77 -8.17
C ALA A 551 10.97 -7.86 -8.71
N LEU A 552 11.48 -7.64 -9.91
CA LEU A 552 12.37 -8.57 -10.59
C LEU A 552 13.87 -8.38 -10.30
N THR A 553 14.24 -7.35 -9.56
CA THR A 553 15.61 -7.16 -9.07
C THR A 553 15.77 -7.23 -7.56
N ASN A 554 14.67 -7.37 -6.82
CA ASN A 554 14.71 -7.52 -5.36
C ASN A 554 13.60 -8.48 -4.97
N GLN A 555 13.97 -9.68 -4.51
CA GLN A 555 13.01 -10.74 -4.28
C GLN A 555 12.10 -10.53 -3.06
N ARG A 556 12.57 -9.72 -2.12
N ARG A 556 12.56 -9.73 -2.10
CA ARG A 556 11.75 -9.30 -0.99
CA ARG A 556 11.73 -9.32 -0.98
C ARG A 556 10.58 -8.43 -1.48
C ARG A 556 10.58 -8.40 -1.43
N ILE A 557 10.86 -7.52 -2.40
CA ILE A 557 9.82 -6.73 -3.08
C ILE A 557 8.97 -7.65 -3.97
N GLY A 558 9.60 -8.49 -4.77
CA GLY A 558 8.89 -9.39 -5.66
C GLY A 558 7.88 -10.27 -4.97
N HIS A 559 8.22 -10.73 -3.77
CA HIS A 559 7.36 -11.64 -3.01
C HIS A 559 6.02 -11.00 -2.69
N PHE A 560 6.06 -9.82 -2.06
CA PHE A 560 4.85 -9.07 -1.69
C PHE A 560 4.12 -8.50 -2.91
N PHE A 561 4.87 -8.09 -3.93
CA PHE A 561 4.31 -7.70 -5.23
C PHE A 561 3.42 -8.80 -5.77
N PHE A 562 3.95 -10.02 -5.82
CA PHE A 562 3.21 -11.19 -6.26
C PHE A 562 1.94 -11.41 -5.45
N TRP A 563 2.08 -11.41 -4.13
CA TRP A 563 0.95 -11.69 -3.22
C TRP A 563 -0.13 -10.60 -3.22
N HIS A 564 0.27 -9.32 -3.26
CA HIS A 564 -0.73 -8.25 -3.36
C HIS A 564 -1.55 -8.35 -4.67
N LEU A 565 -0.86 -8.64 -5.78
CA LEU A 565 -1.56 -8.86 -7.08
C LEU A 565 -2.42 -10.10 -7.05
N LYS A 566 -1.84 -11.20 -6.59
CA LYS A 566 -2.53 -12.47 -6.57
C LYS A 566 -3.77 -12.37 -5.72
N SER A 567 -3.69 -11.65 -4.60
CA SER A 567 -4.81 -11.57 -3.67
C SER A 567 -6.10 -10.94 -4.26
N GLU A 568 -6.00 -10.24 -5.39
CA GLU A 568 -7.14 -9.57 -6.02
C GLU A 568 -7.54 -10.13 -7.37
N MET A 569 -6.99 -11.27 -7.74
CA MET A 569 -7.32 -11.90 -9.01
C MET A 569 -8.79 -12.33 -9.16
N HIS A 570 -9.50 -12.46 -8.05
CA HIS A 570 -10.97 -12.66 -8.02
C HIS A 570 -11.80 -11.42 -8.44
N ASN A 571 -11.20 -10.24 -8.35
CA ASN A 571 -11.84 -8.98 -8.67
C ASN A 571 -11.75 -8.68 -10.16
N LYS A 572 -12.90 -8.70 -10.83
CA LYS A 572 -12.95 -8.67 -12.29
C LYS A 572 -12.64 -7.32 -12.88
N THR A 573 -12.68 -6.29 -12.05
CA THR A 573 -12.33 -4.98 -12.51
C THR A 573 -10.83 -4.82 -12.70
N VAL A 574 -10.05 -5.78 -12.20
CA VAL A 574 -8.58 -5.71 -12.27
C VAL A 574 -7.85 -7.01 -12.60
N SER A 575 -8.58 -8.12 -12.65
CA SER A 575 -7.99 -9.43 -12.89
C SER A 575 -7.21 -9.57 -14.20
N GLN A 576 -7.66 -8.92 -15.27
CA GLN A 576 -6.89 -8.91 -16.51
C GLN A 576 -5.58 -8.14 -16.34
N ARG A 577 -5.66 -6.92 -15.81
CA ARG A 577 -4.43 -6.11 -15.63
C ARG A 577 -3.44 -6.86 -14.71
N PHE A 578 -3.96 -7.36 -13.58
CA PHE A 578 -3.13 -8.01 -12.58
C PHE A 578 -2.63 -9.37 -13.06
N GLY A 579 -3.48 -10.07 -13.83
CA GLY A 579 -3.11 -11.36 -14.40
C GLY A 579 -1.98 -11.29 -15.40
N LEU A 580 -2.03 -10.29 -16.28
CA LEU A 580 -0.97 -10.04 -17.26
C LEU A 580 0.31 -9.55 -16.61
N LEU A 581 0.18 -8.70 -15.59
CA LEU A 581 1.35 -8.27 -14.82
C LEU A 581 2.02 -9.44 -14.12
N LEU A 582 1.22 -10.28 -13.45
CA LEU A 582 1.73 -11.51 -12.82
C LEU A 582 2.40 -12.46 -13.83
N GLU A 583 1.80 -12.61 -15.01
CA GLU A 583 2.41 -13.41 -16.07
C GLU A 583 3.85 -12.91 -16.32
N SER A 584 3.99 -11.62 -16.55
CA SER A 584 5.27 -11.01 -16.85
C SER A 584 6.28 -11.17 -15.71
N TYR A 585 5.81 -11.03 -14.46
CA TYR A 585 6.63 -11.32 -13.27
C TYR A 585 7.08 -12.79 -13.24
N CYS A 586 6.14 -13.72 -13.42
CA CYS A 586 6.42 -15.16 -13.32
C CYS A 586 7.36 -15.68 -14.42
N ARG A 587 7.32 -15.08 -15.60
CA ARG A 587 8.31 -15.42 -16.64
C ARG A 587 9.75 -15.10 -16.34
N ALA A 588 9.99 -14.10 -15.48
CA ALA A 588 11.35 -13.60 -15.29
C ALA A 588 11.85 -13.63 -13.86
N CYS A 589 11.03 -14.06 -12.90
CA CYS A 589 11.45 -13.99 -11.50
C CYS A 589 12.46 -15.08 -11.13
N GLY A 590 12.64 -16.06 -12.01
CA GLY A 590 13.63 -17.11 -11.81
C GLY A 590 13.07 -18.25 -10.96
N MET A 591 13.97 -18.85 -10.18
CA MET A 591 13.69 -20.03 -9.36
C MET A 591 12.56 -19.76 -8.34
N TYR A 592 12.41 -18.51 -7.90
CA TYR A 592 11.41 -18.16 -6.91
C TYR A 592 9.96 -18.50 -7.31
N LEU A 593 9.69 -18.61 -8.62
CA LEU A 593 8.40 -19.10 -9.11
C LEU A 593 8.05 -20.46 -8.50
N LYS A 594 9.03 -21.36 -8.46
CA LYS A 594 8.82 -22.70 -7.90
C LYS A 594 8.53 -22.65 -6.39
N HIS A 595 9.21 -21.75 -5.69
CA HIS A 595 8.94 -21.53 -4.27
C HIS A 595 7.57 -20.90 -4.08
N LEU A 596 7.19 -19.95 -4.93
CA LEU A 596 5.84 -19.35 -4.86
C LEU A 596 4.75 -20.41 -5.07
N ASN A 597 4.97 -21.35 -6.00
CA ASN A 597 4.00 -22.42 -6.25
C ASN A 597 3.81 -23.34 -5.04
N ARG A 598 4.87 -23.53 -4.24
CA ARG A 598 4.75 -24.22 -2.95
C ARG A 598 3.81 -23.47 -1.99
N GLN A 599 3.96 -22.15 -1.90
CA GLN A 599 3.08 -21.32 -1.06
C GLN A 599 1.65 -21.34 -1.56
N VAL A 600 1.47 -21.19 -2.87
CA VAL A 600 0.15 -21.22 -3.49
C VAL A 600 -0.57 -22.54 -3.23
N GLU A 601 0.14 -23.65 -3.40
CA GLU A 601 -0.45 -24.96 -3.12
C GLU A 601 -0.80 -25.13 -1.63
N ALA A 602 0.08 -24.69 -0.74
CA ALA A 602 -0.22 -24.77 0.68
C ALA A 602 -1.49 -23.97 1.02
N MET A 603 -1.56 -22.74 0.53
CA MET A 603 -2.72 -21.89 0.78
C MET A 603 -4.00 -22.49 0.19
N GLU A 604 -3.89 -23.04 -1.01
N GLU A 604 -3.88 -23.04 -1.03
CA GLU A 604 -5.05 -23.67 -1.66
CA GLU A 604 -4.99 -23.71 -1.71
C GLU A 604 -5.57 -24.88 -0.87
C GLU A 604 -5.56 -24.87 -0.87
N LYS A 605 -4.66 -25.66 -0.30
CA LYS A 605 -5.08 -26.76 0.58
C LYS A 605 -5.78 -26.27 1.83
N LEU A 606 -5.29 -25.19 2.44
CA LEU A 606 -5.93 -24.61 3.62
C LEU A 606 -7.30 -23.98 3.29
N ILE A 607 -7.39 -23.35 2.12
CA ILE A 607 -8.66 -22.81 1.65
C ILE A 607 -9.69 -23.95 1.52
N ASN A 608 -9.27 -25.06 0.92
CA ASN A 608 -10.15 -26.20 0.70
C ASN A 608 -10.59 -26.89 1.98
N LEU A 609 -9.66 -27.06 2.92
CA LEU A 609 -9.99 -27.66 4.21
C LEU A 609 -10.97 -26.81 4.97
N THR A 610 -10.66 -25.52 5.12
CA THR A 610 -11.54 -24.62 5.83
C THR A 610 -12.93 -24.44 5.16
N ASP A 611 -12.98 -24.45 3.83
CA ASP A 611 -14.28 -24.42 3.13
C ASP A 611 -15.15 -25.63 3.51
N ILE A 612 -14.55 -26.81 3.58
CA ILE A 612 -15.25 -28.01 4.02
C ILE A 612 -15.73 -27.93 5.48
N LEU A 613 -14.88 -27.49 6.40
CA LEU A 613 -15.28 -27.31 7.81
C LEU A 613 -16.39 -26.30 7.96
N LYS A 614 -16.13 -25.32 7.11
CA LYS A 614 -16.99 -24.16 7.13
C LYS A 614 -18.30 -24.35 6.34
N GLN A 615 -18.69 -25.62 5.83
CA GLN A 615 -19.89 -25.98 5.05
C GLN A 615 -20.48 -27.37 5.38
N GLU A 616 -19.64 -28.39 5.46
CA GLU A 616 -20.07 -29.78 5.71
C GLU A 616 -20.01 -30.21 7.18
N LYS A 617 -19.21 -29.51 7.99
CA LYS A 617 -19.00 -29.86 9.39
C LYS A 617 -19.24 -28.69 10.33
N LYS A 618 -19.86 -27.63 9.81
CA LYS A 618 -20.24 -26.43 10.58
C LYS A 618 -20.91 -26.74 11.94
N ASP A 619 -21.84 -27.68 11.92
CA ASP A 619 -22.64 -28.00 13.10
C ASP A 619 -21.92 -28.88 14.11
N GLU A 620 -20.94 -29.67 13.74
CA GLU A 620 -20.22 -30.67 14.53
C GLU A 620 -19.41 -30.09 15.65
N THR A 621 -19.11 -30.93 16.54
CA THR A 621 -18.30 -30.46 17.65
C THR A 621 -16.87 -30.21 17.19
N GLN A 622 -16.20 -29.42 18.00
CA GLN A 622 -14.79 -29.10 17.91
C GLN A 622 -13.98 -30.38 17.85
N LYS A 623 -14.29 -31.33 18.74
CA LYS A 623 -13.65 -32.65 18.76
C LYS A 623 -13.72 -33.38 17.42
N VAL A 624 -14.92 -33.46 16.84
CA VAL A 624 -15.13 -34.14 15.54
C VAL A 624 -14.50 -33.36 14.37
N GLN A 625 -14.56 -32.03 14.43
CA GLN A 625 -13.94 -31.18 13.39
C GLN A 625 -12.42 -31.42 13.35
N MET A 626 -11.82 -31.42 14.53
CA MET A 626 -10.40 -31.68 14.72
C MET A 626 -9.97 -33.06 14.25
N LYS A 627 -10.80 -34.07 14.52
CA LYS A 627 -10.54 -35.43 14.05
C LYS A 627 -10.56 -35.47 12.52
N PHE A 628 -11.56 -34.81 11.93
CA PHE A 628 -11.64 -34.68 10.49
C PHE A 628 -10.40 -33.95 9.92
N LEU A 629 -10.06 -32.83 10.54
CA LEU A 629 -8.94 -32.01 10.07
C LEU A 629 -7.60 -32.75 10.07
N VAL A 630 -7.29 -33.36 11.20
CA VAL A 630 -6.07 -34.19 11.39
C VAL A 630 -5.99 -35.36 10.38
N GLU A 631 -7.11 -36.04 10.13
CA GLU A 631 -7.15 -37.09 9.11
C GLU A 631 -6.87 -36.56 7.69
N GLN A 632 -7.49 -35.44 7.33
CA GLN A 632 -7.27 -34.83 6.02
C GLN A 632 -5.83 -34.35 5.84
N MET A 633 -5.27 -33.72 6.88
CA MET A 633 -3.90 -33.18 6.80
C MET A 633 -2.80 -34.24 6.73
N ARG A 634 -3.11 -35.45 7.20
CA ARG A 634 -2.18 -36.59 7.16
C ARG A 634 -2.22 -37.40 5.86
N ARG A 635 -3.22 -37.18 5.00
CA ARG A 635 -3.19 -37.70 3.63
C ARG A 635 -1.90 -37.20 2.95
N PRO A 636 -1.09 -38.11 2.37
CA PRO A 636 0.33 -37.79 2.06
C PRO A 636 0.54 -36.64 1.07
N ASP A 637 -0.43 -36.46 0.17
CA ASP A 637 -0.48 -35.34 -0.75
C ASP A 637 -0.72 -34.01 -0.03
N PHE A 638 -1.67 -34.00 0.94
CA PHE A 638 -1.95 -32.81 1.76
C PHE A 638 -0.78 -32.51 2.63
N MET A 639 -0.24 -33.54 3.27
CA MET A 639 0.87 -33.37 4.21
C MET A 639 2.08 -32.78 3.50
N ASP A 640 2.41 -33.28 2.32
CA ASP A 640 3.55 -32.73 1.59
C ASP A 640 3.33 -31.26 1.17
N ALA A 641 2.10 -30.93 0.78
CA ALA A 641 1.74 -29.57 0.39
C ALA A 641 1.75 -28.58 1.54
N LEU A 642 1.53 -29.06 2.77
CA LEU A 642 1.43 -28.21 3.97
C LEU A 642 2.69 -28.12 4.83
N GLN A 643 3.80 -28.65 4.34
CA GLN A 643 5.06 -28.64 5.06
C GLN A 643 6.18 -28.27 4.11
N GLY A 644 7.28 -27.76 4.67
CA GLY A 644 8.48 -27.49 3.87
C GLY A 644 8.27 -26.43 2.80
N PHE A 645 7.91 -25.22 3.22
CA PHE A 645 7.75 -24.05 2.29
C PHE A 645 7.99 -22.75 3.05
N LEU A 646 8.06 -21.63 2.32
CA LEU A 646 8.37 -20.33 2.93
C LEU A 646 7.10 -19.63 3.41
N SER A 647 7.16 -19.03 4.59
CA SER A 647 6.05 -18.26 5.11
C SER A 647 5.72 -17.07 4.18
N PRO A 648 4.45 -17.00 3.71
CA PRO A 648 4.06 -15.82 2.95
C PRO A 648 4.09 -14.52 3.74
N LEU A 649 3.98 -14.59 5.07
CA LEU A 649 4.10 -13.39 5.93
C LEU A 649 5.53 -12.83 5.92
N ASN A 650 6.50 -13.71 5.74
CA ASN A 650 7.91 -13.35 5.71
C ASN A 650 8.71 -14.50 5.12
N PRO A 651 9.11 -14.38 3.84
CA PRO A 651 9.77 -15.48 3.18
C PRO A 651 11.21 -15.80 3.65
N ALA A 652 11.76 -15.00 4.56
CA ALA A 652 12.96 -15.37 5.34
C ALA A 652 12.68 -16.52 6.34
N HIS A 653 11.41 -16.73 6.70
CA HIS A 653 11.02 -17.81 7.61
C HIS A 653 10.62 -19.07 6.88
N GLN A 654 11.43 -20.12 7.08
CA GLN A 654 11.11 -21.45 6.56
C GLN A 654 10.08 -22.12 7.46
N LEU A 655 9.03 -22.68 6.87
CA LEU A 655 8.05 -23.47 7.61
C LEU A 655 8.38 -24.93 7.34
N GLY A 656 8.77 -25.65 8.39
CA GLY A 656 9.23 -27.04 8.25
C GLY A 656 8.06 -27.99 8.42
N ASN A 657 8.22 -29.01 9.26
CA ASN A 657 7.15 -29.96 9.50
C ASN A 657 6.04 -29.33 10.32
N LEU A 658 4.79 -29.62 9.95
CA LEU A 658 3.61 -29.27 10.75
C LEU A 658 3.66 -30.02 12.07
N ARG A 659 3.37 -29.32 13.16
CA ARG A 659 3.11 -29.95 14.44
C ARG A 659 1.61 -30.04 14.63
N LEU A 660 1.02 -31.13 14.14
CA LEU A 660 -0.43 -31.34 14.20
C LEU A 660 -0.98 -31.28 15.63
N GLU A 661 -0.25 -31.82 16.59
CA GLU A 661 -0.61 -31.76 18.01
C GLU A 661 -0.75 -30.31 18.54
N GLU A 662 -0.02 -29.36 17.96
CA GLU A 662 -0.11 -27.93 18.31
C GLU A 662 -1.10 -27.11 17.47
N CYS A 663 -1.65 -27.71 16.42
CA CYS A 663 -2.63 -27.01 15.58
C CYS A 663 -3.99 -27.12 16.21
N ARG A 664 -4.82 -26.14 15.85
CA ARG A 664 -6.19 -26.18 16.33
C ARG A 664 -7.13 -25.27 15.55
N ILE A 665 -8.45 -25.60 15.63
CA ILE A 665 -9.51 -24.77 15.10
C ILE A 665 -9.95 -23.84 16.23
N MET A 666 -9.90 -22.54 15.98
CA MET A 666 -10.18 -21.55 17.02
C MET A 666 -11.67 -21.34 17.18
N SER A 667 -12.09 -20.98 18.40
CA SER A 667 -13.50 -20.84 18.72
C SER A 667 -14.21 -19.81 17.85
N SER A 668 -13.49 -18.75 17.50
CA SER A 668 -14.05 -17.68 16.65
C SER A 668 -15.01 -18.20 15.58
N ALA A 669 -15.95 -17.35 15.18
CA ALA A 669 -16.92 -17.68 14.12
C ALA A 669 -16.64 -18.33 12.76
N LYS A 670 -15.56 -17.92 12.11
CA LYS A 670 -15.19 -18.35 10.75
C LYS A 670 -14.27 -19.58 10.73
N ARG A 671 -13.98 -20.10 11.91
CA ARG A 671 -13.16 -21.31 12.12
C ARG A 671 -11.71 -21.07 11.66
N PRO A 672 -11.06 -20.02 12.22
CA PRO A 672 -9.65 -19.83 11.82
C PRO A 672 -8.79 -20.98 12.32
N LEU A 673 -7.75 -21.30 11.57
CA LEU A 673 -6.82 -22.35 11.96
C LEU A 673 -5.63 -21.71 12.60
N TRP A 674 -5.32 -22.18 13.80
CA TRP A 674 -4.09 -21.84 14.47
C TRP A 674 -3.13 -22.93 14.06
N LEU A 675 -2.09 -22.56 13.33
CA LEU A 675 -1.16 -23.53 12.74
C LEU A 675 0.24 -23.31 13.29
N ASN A 676 0.98 -24.40 13.43
CA ASN A 676 2.29 -24.39 14.06
C ASN A 676 3.18 -25.28 13.22
N TRP A 677 4.28 -24.71 12.70
CA TRP A 677 5.31 -25.46 12.02
C TRP A 677 6.60 -25.35 12.78
N GLU A 678 7.46 -26.36 12.71
CA GLU A 678 8.78 -26.17 13.28
C GLU A 678 9.64 -25.37 12.29
N ASN A 679 10.51 -24.55 12.85
CA ASN A 679 11.52 -23.85 12.11
C ASN A 679 12.70 -24.81 11.93
N PRO A 680 12.97 -25.27 10.69
CA PRO A 680 14.02 -26.23 10.43
C PRO A 680 15.43 -25.64 10.35
N ASP A 681 15.58 -24.35 10.64
CA ASP A 681 16.89 -23.70 10.67
C ASP A 681 17.81 -24.37 11.70
N ILE A 682 19.07 -24.57 11.32
CA ILE A 682 20.07 -25.26 12.15
C ILE A 682 20.17 -24.60 13.54
N MET A 683 19.99 -23.28 13.60
CA MET A 683 20.05 -22.51 14.83
C MET A 683 18.73 -21.87 15.24
N SER A 684 17.63 -22.60 15.08
CA SER A 684 16.28 -22.11 15.37
C SER A 684 16.06 -21.69 16.84
N GLU A 685 16.66 -22.44 17.76
CA GLU A 685 16.60 -22.13 19.21
C GLU A 685 16.91 -20.68 19.58
N LEU A 686 17.76 -20.02 18.79
CA LEU A 686 18.16 -18.64 19.03
C LEU A 686 17.13 -17.59 18.63
N LEU A 687 16.26 -17.89 17.66
CA LEU A 687 15.24 -16.94 17.20
C LEU A 687 13.85 -17.39 17.66
N PHE A 688 13.36 -18.49 17.10
CA PHE A 688 12.18 -19.19 17.61
C PHE A 688 12.15 -20.59 17.01
N GLN A 689 11.82 -21.58 17.84
CA GLN A 689 11.81 -22.98 17.40
C GLN A 689 10.55 -23.38 16.64
N ASN A 690 9.44 -22.68 16.88
CA ASN A 690 8.18 -22.91 16.17
C ASN A 690 7.58 -21.62 15.60
N ASN A 691 7.07 -21.70 14.38
CA ASN A 691 6.41 -20.57 13.72
C ASN A 691 4.89 -20.77 13.76
N GLU A 692 4.20 -19.86 14.45
CA GLU A 692 2.76 -19.93 14.64
C GLU A 692 2.03 -18.87 13.82
N ILE A 693 1.12 -19.31 12.96
CA ILE A 693 0.37 -18.44 12.07
C ILE A 693 -1.10 -18.83 12.18
N ILE A 694 -1.96 -17.82 12.23
CA ILE A 694 -3.39 -18.01 12.15
C ILE A 694 -3.79 -17.87 10.68
N PHE A 695 -4.50 -18.87 10.18
CA PHE A 695 -5.06 -18.83 8.83
C PHE A 695 -6.53 -18.60 9.01
N LYS A 696 -7.07 -17.59 8.32
CA LYS A 696 -8.46 -17.21 8.45
C LYS A 696 -9.14 -17.10 7.11
N ASN A 697 -10.21 -17.86 6.93
CA ASN A 697 -10.97 -17.91 5.66
C ASN A 697 -12.40 -17.43 5.89
N GLY A 698 -12.68 -16.17 5.54
CA GLY A 698 -14.02 -15.62 5.67
C GLY A 698 -14.13 -14.15 5.98
N ASP A 699 -13.12 -13.58 6.63
CA ASP A 699 -13.07 -12.14 6.91
C ASP A 699 -12.17 -11.36 5.97
N ASP A 700 -12.60 -10.16 5.61
CA ASP A 700 -11.77 -9.27 4.81
C ASP A 700 -10.67 -8.76 5.74
N LEU A 701 -9.41 -9.06 5.41
CA LEU A 701 -8.25 -8.61 6.20
C LEU A 701 -7.51 -7.40 5.63
N ARG A 702 -8.06 -6.77 4.61
CA ARG A 702 -7.38 -5.64 3.98
C ARG A 702 -7.26 -4.43 4.91
N GLN A 703 -8.29 -4.16 5.72
CA GLN A 703 -8.24 -3.02 6.63
C GLN A 703 -7.25 -3.26 7.79
N ASP A 704 -7.17 -4.47 8.32
CA ASP A 704 -6.17 -4.79 9.36
C ASP A 704 -4.76 -4.59 8.83
N MET A 705 -4.59 -5.11 7.64
CA MET A 705 -3.33 -5.00 6.93
C MET A 705 -2.93 -3.54 6.74
N LEU A 706 -3.86 -2.70 6.31
CA LEU A 706 -3.58 -1.29 6.18
C LEU A 706 -3.31 -0.64 7.55
N THR A 707 -4.11 -0.96 8.56
CA THR A 707 -3.95 -0.33 9.89
C THR A 707 -2.59 -0.70 10.48
N LEU A 708 -2.21 -1.97 10.36
CA LEU A 708 -0.92 -2.44 10.85
C LEU A 708 0.27 -1.79 10.15
N GLN A 709 0.10 -1.49 8.87
CA GLN A 709 1.12 -0.79 8.13
C GLN A 709 1.26 0.63 8.67
N ILE A 710 0.13 1.31 8.85
CA ILE A 710 0.13 2.68 9.41
C ILE A 710 0.73 2.73 10.83
N ILE A 711 0.37 1.76 11.67
CA ILE A 711 0.97 1.66 13.02
C ILE A 711 2.51 1.58 12.98
N ARG A 712 3.03 0.73 12.10
CA ARG A 712 4.48 0.58 11.87
C ARG A 712 5.11 1.93 11.45
N ILE A 713 4.42 2.64 10.56
CA ILE A 713 4.90 3.97 10.08
C ILE A 713 4.88 5.00 11.19
N MET A 714 3.80 5.02 11.97
CA MET A 714 3.76 5.84 13.20
C MET A 714 4.90 5.52 14.18
N GLU A 715 5.12 4.23 14.42
CA GLU A 715 6.19 3.80 15.34
C GLU A 715 7.55 4.28 14.83
N ASN A 716 7.76 4.13 13.54
CA ASN A 716 9.00 4.57 12.91
C ASN A 716 9.24 6.08 13.02
N ILE A 717 8.18 6.88 12.86
CA ILE A 717 8.27 8.33 13.05
C ILE A 717 8.61 8.67 14.51
N TRP A 718 7.95 8.01 15.46
CA TRP A 718 8.27 8.23 16.88
C TRP A 718 9.70 7.83 17.24
N GLN A 719 10.14 6.66 16.80
CA GLN A 719 11.51 6.20 17.06
C GLN A 719 12.57 7.15 16.46
N ASN A 720 12.44 7.51 15.19
CA ASN A 720 13.37 8.48 14.52
C ASN A 720 13.44 9.87 15.18
N GLN A 721 12.39 10.23 15.92
CA GLN A 721 12.33 11.47 16.69
C GLN A 721 12.82 11.34 18.15
N GLY A 722 13.41 10.20 18.51
CA GLY A 722 13.81 9.94 19.91
C GLY A 722 12.72 9.62 20.92
N LEU A 723 11.50 9.36 20.42
CA LEU A 723 10.33 9.14 21.26
C LEU A 723 10.01 7.64 21.25
N ASP A 724 10.47 6.93 22.27
CA ASP A 724 10.51 5.48 22.27
C ASP A 724 9.17 4.90 22.76
N LEU A 725 8.20 4.86 21.86
CA LEU A 725 6.90 4.22 22.15
C LEU A 725 6.80 2.94 21.34
N ARG A 726 7.03 1.80 21.99
CA ARG A 726 7.09 0.52 21.29
C ARG A 726 5.70 0.05 20.93
N MET A 727 5.50 -0.20 19.64
CA MET A 727 4.25 -0.70 19.09
C MET A 727 4.43 -2.16 18.69
N LEU A 728 3.34 -2.83 18.31
CA LEU A 728 3.39 -4.21 17.81
C LEU A 728 2.60 -4.39 16.49
N PRO A 729 3.21 -4.00 15.36
CA PRO A 729 2.58 -4.18 14.05
C PRO A 729 2.89 -5.57 13.54
N TYR A 730 2.23 -6.54 14.14
CA TYR A 730 2.38 -7.95 13.77
C TYR A 730 1.95 -8.17 12.31
N GLY A 731 2.47 -9.24 11.71
CA GLY A 731 2.23 -9.56 10.32
C GLY A 731 0.76 -9.83 10.02
N CYS A 732 0.29 -9.30 8.90
CA CYS A 732 -1.05 -9.60 8.38
C CYS A 732 -1.05 -9.46 6.86
N LEU A 733 -1.37 -10.53 6.14
CA LEU A 733 -1.39 -10.54 4.67
C LEU A 733 -2.69 -11.12 4.11
N SER A 734 -3.43 -10.31 3.37
CA SER A 734 -4.55 -10.82 2.58
C SER A 734 -3.99 -11.59 1.39
N ILE A 735 -4.40 -12.83 1.24
CA ILE A 735 -3.91 -13.69 0.14
C ILE A 735 -4.97 -13.96 -0.91
N GLY A 736 -6.19 -13.44 -0.70
CA GLY A 736 -7.33 -13.75 -1.57
C GLY A 736 -8.58 -13.07 -1.08
N ASP A 737 -9.72 -13.46 -1.66
CA ASP A 737 -11.04 -12.94 -1.31
C ASP A 737 -11.43 -13.37 0.12
N CYS A 738 -11.29 -12.45 1.06
CA CYS A 738 -11.57 -12.69 2.47
C CYS A 738 -10.80 -13.92 3.02
N VAL A 739 -9.54 -14.00 2.65
CA VAL A 739 -8.65 -15.05 3.14
C VAL A 739 -7.30 -14.44 3.39
N GLY A 740 -6.66 -14.87 4.48
CA GLY A 740 -5.37 -14.32 4.86
C GLY A 740 -4.72 -14.99 6.05
N LEU A 741 -3.54 -14.46 6.35
CA LEU A 741 -2.66 -14.96 7.38
C LEU A 741 -2.38 -13.87 8.40
N ILE A 742 -2.31 -14.25 9.67
CA ILE A 742 -2.00 -13.34 10.75
C ILE A 742 -0.90 -13.97 11.60
N GLU A 743 0.12 -13.16 11.90
CA GLU A 743 1.22 -13.58 12.74
C GLU A 743 0.76 -13.66 14.21
N VAL A 744 0.98 -14.81 14.84
CA VAL A 744 0.71 -15.00 16.28
C VAL A 744 1.75 -14.25 17.11
N VAL A 745 1.31 -13.53 18.12
CA VAL A 745 2.22 -12.87 19.06
C VAL A 745 2.37 -13.81 20.25
N ARG A 746 3.55 -14.38 20.38
CA ARG A 746 3.86 -15.34 21.44
C ARG A 746 3.80 -14.69 22.84
N ASN A 747 3.37 -15.48 23.82
CA ASN A 747 3.35 -15.06 25.25
C ASN A 747 2.57 -13.78 25.52
N SER A 748 1.37 -13.72 24.96
CA SER A 748 0.47 -12.58 25.14
C SER A 748 -0.88 -13.06 25.58
N HIS A 749 -1.62 -12.18 26.23
CA HIS A 749 -2.94 -12.49 26.75
C HIS A 749 -3.82 -11.27 26.65
N THR A 750 -5.12 -11.51 26.48
CA THR A 750 -6.10 -10.43 26.45
C THR A 750 -6.25 -9.91 27.86
N ILE A 751 -6.72 -8.67 27.99
CA ILE A 751 -6.96 -8.06 29.30
C ILE A 751 -8.01 -8.86 30.09
N MET A 752 -9.04 -9.34 29.38
CA MET A 752 -10.15 -10.10 29.98
C MET A 752 -9.65 -11.30 30.77
N GLN A 753 -8.82 -12.12 30.13
CA GLN A 753 -8.21 -13.31 30.74
C GLN A 753 -7.54 -13.01 32.08
N ILE A 754 -6.71 -11.99 32.07
CA ILE A 754 -5.96 -11.56 33.26
C ILE A 754 -6.91 -11.20 34.42
N GLN A 755 -7.84 -10.31 34.16
CA GLN A 755 -8.82 -9.90 35.18
C GLN A 755 -9.95 -10.92 35.47
N CYS A 756 -10.06 -11.95 34.63
CA CYS A 756 -10.88 -13.14 34.93
C CYS A 756 -10.24 -14.06 35.97
N LYS A 757 -8.91 -14.11 36.00
CA LYS A 757 -8.12 -14.98 36.90
C LYS A 757 -8.35 -16.47 36.60
N LEU A 760 -12.24 -17.52 37.83
CA LEU A 760 -12.54 -17.39 39.26
C LEU A 760 -13.38 -16.17 39.66
N LYS A 761 -13.13 -15.01 39.03
CA LYS A 761 -13.88 -13.77 39.32
C LYS A 761 -14.99 -13.49 38.31
N ALA A 763 -17.73 -9.03 35.03
CA ALA A 763 -18.23 -9.56 36.29
C ALA A 763 -18.38 -8.47 37.35
N LEU A 764 -19.28 -8.71 38.31
CA LEU A 764 -19.53 -7.79 39.42
C LEU A 764 -18.33 -7.65 40.37
N GLN A 765 -17.54 -8.70 40.47
CA GLN A 765 -16.37 -8.76 41.37
C GLN A 765 -15.02 -8.35 40.73
N PHE A 766 -15.05 -7.80 39.51
CA PHE A 766 -13.83 -7.29 38.87
C PHE A 766 -13.21 -6.14 39.69
N ASN A 767 -11.88 -6.16 39.77
CA ASN A 767 -11.13 -5.21 40.57
C ASN A 767 -10.08 -4.55 39.70
N SER A 768 -9.97 -3.24 39.83
CA SER A 768 -9.07 -2.43 39.02
C SER A 768 -7.59 -2.77 39.20
N HIS A 769 -7.21 -3.27 40.38
CA HIS A 769 -5.80 -3.59 40.68
C HIS A 769 -5.29 -4.93 40.13
N THR A 770 -6.20 -5.81 39.70
CA THR A 770 -5.84 -7.14 39.20
C THR A 770 -4.79 -7.15 38.08
N LEU A 771 -4.90 -6.24 37.11
CA LEU A 771 -3.96 -6.16 35.99
C LEU A 771 -2.55 -5.77 36.46
N HIS A 772 -2.46 -4.72 37.27
CA HIS A 772 -1.19 -4.34 37.91
C HIS A 772 -0.57 -5.48 38.69
N GLN A 773 -1.40 -6.18 39.47
CA GLN A 773 -0.96 -7.37 40.22
C GLN A 773 -0.36 -8.46 39.33
N TRP A 774 -1.02 -8.73 38.20
CA TRP A 774 -0.54 -9.70 37.21
C TRP A 774 0.86 -9.35 36.65
N LEU A 775 1.02 -8.11 36.22
CA LEU A 775 2.26 -7.68 35.58
C LEU A 775 3.42 -7.78 36.55
N LYS A 776 3.10 -7.39 37.77
CA LYS A 776 4.03 -7.37 38.88
C LYS A 776 4.47 -8.78 39.26
N ASP A 777 3.51 -9.62 39.48
CA ASP A 777 3.82 -11.04 39.62
C ASP A 777 4.76 -11.56 38.52
N LYS A 778 4.51 -11.16 37.26
CA LYS A 778 5.36 -11.53 36.11
C LYS A 778 6.70 -10.80 36.03
N ASN A 779 6.83 -9.66 36.70
CA ASN A 779 8.08 -8.90 36.71
C ASN A 779 8.45 -8.52 38.15
N LYS A 780 8.92 -9.52 38.88
CA LYS A 780 9.35 -9.37 40.27
C LYS A 780 10.81 -8.90 40.36
N GLY A 781 11.08 -8.04 41.32
CA GLY A 781 12.45 -7.62 41.65
C GLY A 781 12.88 -6.35 40.92
N GLU A 782 14.12 -6.35 40.45
CA GLU A 782 14.72 -5.21 39.75
C GLU A 782 14.03 -4.84 38.43
N ILE A 783 13.29 -5.65 37.97
CA ILE A 783 12.59 -5.45 36.69
C ILE A 783 11.17 -4.90 36.76
N TYR A 784 10.69 -4.84 37.69
CA TYR A 784 9.38 -4.25 37.77
C TYR A 784 9.29 -2.89 37.02
N ASP A 785 10.29 -2.02 37.20
CA ASP A 785 10.26 -0.68 36.61
C ASP A 785 10.33 -0.68 35.08
N ALA A 786 11.10 -1.62 34.52
CA ALA A 786 11.17 -1.82 33.07
C ALA A 786 9.82 -2.24 32.48
N ALA A 787 9.09 -3.10 33.19
CA ALA A 787 7.78 -3.56 32.74
C ALA A 787 6.72 -2.47 32.80
N ILE A 788 6.75 -1.67 33.87
CA ILE A 788 5.82 -0.54 34.01
C ILE A 788 6.11 0.55 32.97
N ASP A 789 7.39 0.77 32.70
CA ASP A 789 7.81 1.72 31.68
C ASP A 789 7.34 1.30 30.28
N LEU A 790 7.53 0.03 29.96
CA LEU A 790 7.14 -0.54 28.67
C LEU A 790 5.62 -0.52 28.47
N PHE A 791 4.88 -0.85 29.53
CA PHE A 791 3.42 -0.76 29.54
C PHE A 791 2.95 0.66 29.29
N THR A 792 3.57 1.60 30.01
CA THR A 792 3.21 3.02 29.92
C THR A 792 3.42 3.56 28.50
N ARG A 793 4.60 3.29 27.96
CA ARG A 793 4.99 3.79 26.65
C ARG A 793 4.17 3.14 25.52
N SER A 794 4.04 1.83 25.58
CA SER A 794 3.21 1.09 24.61
C SER A 794 1.75 1.57 24.68
N CYS A 795 1.28 1.82 25.90
CA CYS A 795 -0.06 2.35 26.10
C CYS A 795 -0.25 3.72 25.46
N ALA A 796 0.74 4.60 25.63
CA ALA A 796 0.68 5.95 25.07
C ALA A 796 0.58 5.90 23.55
N GLY A 797 1.42 5.07 22.93
CA GLY A 797 1.42 4.88 21.47
C GLY A 797 0.07 4.46 20.93
N TYR A 798 -0.49 3.40 21.50
CA TYR A 798 -1.82 2.91 21.11
C TYR A 798 -2.96 3.88 21.44
N CYS A 799 -2.85 4.65 22.51
CA CYS A 799 -3.84 5.71 22.79
C CYS A 799 -3.90 6.72 21.64
N VAL A 800 -2.72 7.23 21.28
CA VAL A 800 -2.62 8.25 20.24
C VAL A 800 -2.96 7.68 18.86
N ALA A 801 -2.40 6.52 18.53
CA ALA A 801 -2.67 5.86 17.23
C ALA A 801 -4.15 5.57 17.02
N THR A 802 -4.79 4.99 18.02
CA THR A 802 -6.21 4.62 17.88
C THR A 802 -7.17 5.81 17.81
N PHE A 803 -6.91 6.86 18.60
CA PHE A 803 -7.68 8.10 18.51
C PHE A 803 -7.55 8.75 17.11
N ILE A 804 -6.33 8.84 16.61
CA ILE A 804 -6.08 9.47 15.29
C ILE A 804 -6.83 8.74 14.18
N LEU A 805 -6.75 7.41 14.18
CA LEU A 805 -7.31 6.56 13.12
C LEU A 805 -8.78 6.17 13.28
N GLY A 806 -9.37 6.45 14.43
CA GLY A 806 -10.79 6.11 14.69
C GLY A 806 -11.05 4.62 14.62
N ILE A 807 -10.17 3.85 15.24
CA ILE A 807 -10.21 2.39 15.22
C ILE A 807 -11.43 1.88 16.01
N GLY A 808 -11.94 0.69 15.65
CA GLY A 808 -13.08 0.07 16.36
C GLY A 808 -12.92 0.07 17.88
N ASP A 809 -14.03 0.30 18.59
CA ASP A 809 -14.04 0.43 20.06
C ASP A 809 -13.22 -0.66 20.73
N ARG A 810 -12.37 -0.26 21.66
CA ARG A 810 -11.52 -1.20 22.38
C ARG A 810 -12.28 -1.77 23.58
N HIS A 811 -12.03 -3.04 23.86
CA HIS A 811 -12.55 -3.73 25.04
C HIS A 811 -11.51 -4.76 25.49
N ASN A 812 -11.81 -5.47 26.58
CA ASN A 812 -10.85 -6.37 27.24
C ASN A 812 -10.37 -7.58 26.42
N SER A 813 -11.10 -7.91 25.37
CA SER A 813 -10.75 -8.99 24.46
C SER A 813 -9.96 -8.62 23.19
N ASN A 814 -9.95 -7.33 22.81
CA ASN A 814 -9.12 -6.87 21.66
C ASN A 814 -7.96 -5.96 22.07
N ILE A 815 -7.65 -5.93 23.36
CA ILE A 815 -6.41 -5.36 23.90
C ILE A 815 -5.66 -6.53 24.51
N MET A 816 -4.36 -6.60 24.23
CA MET A 816 -3.53 -7.68 24.70
C MET A 816 -2.28 -7.11 25.33
N VAL A 817 -1.68 -7.93 26.19
CA VAL A 817 -0.46 -7.53 26.90
C VAL A 817 0.49 -8.72 26.98
N LYS A 818 1.78 -8.48 26.76
CA LYS A 818 2.80 -9.49 26.87
C LYS A 818 3.28 -9.56 28.32
N ASP A 819 3.97 -10.65 28.64
CA ASP A 819 4.50 -10.90 29.98
C ASP A 819 5.40 -9.76 30.45
N ASP A 820 6.18 -9.21 29.53
CA ASP A 820 7.13 -8.11 29.85
C ASP A 820 6.49 -6.73 29.94
N GLY A 821 5.17 -6.65 29.83
CA GLY A 821 4.42 -5.39 29.93
C GLY A 821 4.05 -4.68 28.63
N GLN A 822 4.52 -5.17 27.48
CA GLN A 822 4.15 -4.55 26.20
C GLN A 822 2.65 -4.72 25.90
N LEU A 823 1.95 -3.60 25.86
CA LEU A 823 0.53 -3.56 25.51
C LEU A 823 0.37 -3.41 24.00
N PHE A 824 -0.62 -4.09 23.42
CA PHE A 824 -0.96 -3.90 22.00
C PHE A 824 -2.41 -4.24 21.75
N HIS A 825 -2.90 -3.82 20.59
CA HIS A 825 -4.27 -4.01 20.18
C HIS A 825 -4.32 -4.98 19.02
N ILE A 826 -5.47 -5.64 18.89
CA ILE A 826 -5.72 -6.55 17.79
C ILE A 826 -7.08 -6.25 17.20
N ASP A 827 -7.35 -6.83 16.05
CA ASP A 827 -8.60 -6.68 15.34
C ASP A 827 -8.85 -5.23 14.92
N PHE A 828 -8.27 -4.86 13.80
CA PHE A 828 -8.46 -3.53 13.23
C PHE A 828 -9.38 -3.61 12.02
N GLY A 829 -10.52 -4.24 12.21
CA GLY A 829 -11.50 -4.41 11.16
C GLY A 829 -12.28 -3.15 10.86
N HIS A 830 -12.29 -2.19 11.80
CA HIS A 830 -12.94 -0.89 11.60
C HIS A 830 -12.00 0.29 11.83
N PHE A 831 -12.18 1.35 11.04
CA PHE A 831 -11.38 2.58 11.17
C PHE A 831 -12.09 3.81 10.62
N LEU A 832 -11.48 4.98 10.85
CA LEU A 832 -11.99 6.28 10.38
C LEU A 832 -13.43 6.55 10.91
N ASP A 833 -14.30 7.11 10.10
CA ASP A 833 -15.63 7.52 10.52
C ASP A 833 -16.62 6.36 10.42
N HIS A 834 -16.28 5.23 11.05
CA HIS A 834 -17.09 4.01 10.92
C HIS A 834 -18.38 4.06 11.75
N LYS A 835 -18.44 4.96 12.74
CA LYS A 835 -19.65 5.18 13.56
C LYS A 835 -20.74 5.86 12.73
N LYS A 836 -20.38 6.95 12.05
CA LYS A 836 -21.21 7.56 11.02
C LYS A 836 -20.37 8.45 10.11
N ARG A 843 -18.47 14.47 17.19
CA ARG A 843 -18.53 13.29 16.33
C ARG A 843 -17.23 12.47 16.14
N GLU A 844 -16.20 12.72 16.95
CA GLU A 844 -14.97 11.90 16.97
C GLU A 844 -14.93 11.09 18.27
N ARG A 845 -14.86 9.78 18.15
CA ARG A 845 -14.82 8.88 19.29
C ARG A 845 -13.41 8.81 19.89
N VAL A 846 -13.31 8.28 21.11
CA VAL A 846 -12.04 7.88 21.73
C VAL A 846 -12.12 6.36 21.88
N PRO A 847 -11.50 5.60 20.94
CA PRO A 847 -11.61 4.14 20.99
C PRO A 847 -10.95 3.46 22.19
N PHE A 848 -9.82 4.00 22.67
CA PHE A 848 -9.07 3.38 23.76
C PHE A 848 -9.23 4.20 25.05
N VAL A 849 -10.32 3.92 25.75
CA VAL A 849 -10.66 4.55 27.02
C VAL A 849 -9.82 3.90 28.11
N LEU A 850 -8.87 4.65 28.64
CA LEU A 850 -8.08 4.20 29.79
C LEU A 850 -8.92 4.16 31.05
N THR A 851 -9.44 2.98 31.35
CA THR A 851 -10.10 2.73 32.62
C THR A 851 -9.07 2.69 33.76
N GLN A 852 -9.58 2.64 34.97
CA GLN A 852 -8.77 2.56 36.20
C GLN A 852 -7.69 1.47 36.19
N ASP A 853 -8.01 0.34 35.56
CA ASP A 853 -7.07 -0.76 35.40
C ASP A 853 -5.73 -0.31 34.83
N PHE A 854 -5.77 0.54 33.82
CA PHE A 854 -4.57 0.91 33.06
C PHE A 854 -3.82 2.01 33.79
N LEU A 855 -4.57 2.97 34.32
CA LEU A 855 -4.01 4.06 35.13
C LEU A 855 -3.28 3.55 36.39
N ILE A 856 -3.79 2.48 36.99
CA ILE A 856 -3.17 1.87 38.17
C ILE A 856 -1.81 1.26 37.83
N VAL A 857 -1.68 0.65 36.64
CA VAL A 857 -0.39 0.15 36.17
C VAL A 857 0.58 1.31 35.93
N ILE A 858 0.09 2.36 35.27
CA ILE A 858 0.91 3.52 34.95
C ILE A 858 1.42 4.18 36.24
N SER A 859 0.51 4.41 37.21
CA SER A 859 0.89 5.01 38.51
C SER A 859 1.41 4.01 39.58
N LYS A 860 1.83 2.82 39.16
CA LYS A 860 2.51 1.84 40.03
C LYS A 860 1.73 1.38 41.27
N GLY A 861 0.41 1.27 41.15
CA GLY A 861 -0.45 0.75 42.22
C GLY A 861 -1.19 1.77 43.07
N ALA A 862 -0.89 3.06 42.89
CA ALA A 862 -1.53 4.14 43.64
C ALA A 862 -3.01 4.26 43.33
N GLN A 863 -3.80 4.56 44.35
CA GLN A 863 -5.26 4.63 44.23
C GLN A 863 -5.69 5.85 43.42
N GLU A 864 -5.21 7.02 43.84
CA GLU A 864 -5.44 8.28 43.13
C GLU A 864 -4.41 8.45 42.01
N CYS A 865 -4.55 7.61 40.99
CA CYS A 865 -3.58 7.48 39.90
C CYS A 865 -3.62 8.63 38.88
N THR A 866 -4.76 9.31 38.79
CA THR A 866 -4.93 10.48 37.90
C THR A 866 -4.11 11.72 38.28
N LYS A 867 -3.74 11.85 39.55
CA LYS A 867 -2.97 13.01 40.03
C LYS A 867 -1.61 12.57 40.59
N THR A 868 -0.79 12.02 39.68
CA THR A 868 0.55 11.51 40.00
C THR A 868 1.61 12.01 39.01
N ARG A 869 2.88 11.74 39.34
CA ARG A 869 4.00 12.06 38.46
C ARG A 869 4.02 11.16 37.23
N GLU A 870 3.80 9.86 37.44
CA GLU A 870 3.82 8.88 36.36
C GLU A 870 2.76 9.21 35.30
N PHE A 871 1.56 9.57 35.75
CA PHE A 871 0.49 9.96 34.84
C PHE A 871 0.82 11.23 34.04
N GLU A 872 1.49 12.19 34.68
CA GLU A 872 1.94 13.41 34.01
C GLU A 872 2.96 13.12 32.91
N ARG A 873 3.91 12.23 33.19
CA ARG A 873 4.90 11.80 32.20
C ARG A 873 4.27 10.98 31.07
N PHE A 874 3.26 10.17 31.41
CA PHE A 874 2.45 9.44 30.42
C PHE A 874 1.68 10.40 29.51
N GLN A 875 1.01 11.37 30.13
CA GLN A 875 0.32 12.43 29.38
C GLN A 875 1.27 13.13 28.41
N GLU A 876 2.49 13.42 28.88
CA GLU A 876 3.51 14.08 28.06
C GLU A 876 3.91 13.23 26.86
N MET A 877 4.07 11.92 27.06
CA MET A 877 4.33 10.99 25.95
C MET A 877 3.25 11.05 24.86
N CYS A 878 1.98 11.10 25.27
CA CYS A 878 0.85 11.18 24.34
C CYS A 878 0.80 12.49 23.57
N TYR A 879 1.12 13.59 24.25
CA TYR A 879 1.18 14.92 23.64
C TYR A 879 2.25 14.97 22.56
N LYS A 880 3.43 14.42 22.85
CA LYS A 880 4.54 14.42 21.89
C LYS A 880 4.25 13.56 20.67
N ALA A 881 3.76 12.34 20.92
CA ALA A 881 3.35 11.39 19.88
C ALA A 881 2.29 11.98 18.95
N TYR A 882 1.30 12.65 19.52
CA TYR A 882 0.21 13.23 18.75
C TYR A 882 0.71 14.32 17.78
N LEU A 883 1.45 15.28 18.32
CA LEU A 883 2.01 16.37 17.51
C LEU A 883 3.02 15.86 16.49
N ALA A 884 3.79 14.83 16.85
CA ALA A 884 4.71 14.18 15.90
C ALA A 884 3.99 13.63 14.66
N ILE A 885 2.82 13.02 14.86
CA ILE A 885 2.00 12.55 13.74
C ILE A 885 1.38 13.72 12.98
N ARG A 886 0.93 14.75 13.70
CA ARG A 886 0.38 15.95 13.06
C ARG A 886 1.36 16.57 12.07
N GLN A 887 2.61 16.69 12.49
CA GLN A 887 3.71 17.17 11.64
C GLN A 887 3.97 16.32 10.37
N HIS A 888 3.56 15.05 10.39
CA HIS A 888 3.64 14.15 9.23
C HIS A 888 2.29 13.82 8.62
N ALA A 889 1.31 14.71 8.82
CA ALA A 889 -0.06 14.48 8.41
C ALA A 889 -0.24 14.23 6.92
N ASN A 890 0.55 14.92 6.08
CA ASN A 890 0.40 14.76 4.63
C ASN A 890 0.69 13.32 4.18
N LEU A 891 1.69 12.69 4.78
CA LEU A 891 2.01 11.29 4.48
C LEU A 891 0.79 10.38 4.69
N PHE A 892 0.19 10.50 5.86
CA PHE A 892 -0.95 9.67 6.23
C PHE A 892 -2.14 9.93 5.36
N ILE A 893 -2.41 11.19 5.08
CA ILE A 893 -3.51 11.52 4.17
C ILE A 893 -3.30 10.92 2.79
N ASN A 894 -2.09 11.06 2.28
CA ASN A 894 -1.76 10.56 0.97
C ASN A 894 -1.81 9.03 0.91
N LEU A 895 -1.34 8.36 1.96
CA LEU A 895 -1.40 6.89 2.01
C LEU A 895 -2.84 6.39 1.97
N PHE A 896 -3.73 7.03 2.74
CA PHE A 896 -5.17 6.74 2.64
C PHE A 896 -5.77 7.09 1.28
N SER A 897 -5.40 8.24 0.73
CA SER A 897 -5.89 8.64 -0.61
C SER A 897 -5.54 7.61 -1.68
N MET A 898 -4.33 7.06 -1.61
CA MET A 898 -3.92 6.00 -2.56
C MET A 898 -4.75 4.70 -2.50
N MET A 899 -5.40 4.44 -1.37
CA MET A 899 -6.27 3.26 -1.18
C MET A 899 -7.76 3.47 -1.50
N LEU A 900 -8.15 4.65 -1.99
CA LEU A 900 -9.56 4.98 -2.25
C LEU A 900 -10.27 4.14 -3.32
N GLY A 901 -9.53 3.72 -4.34
CA GLY A 901 -10.08 2.96 -5.46
C GLY A 901 -10.10 1.47 -5.19
N SER A 902 -9.48 1.06 -4.09
CA SER A 902 -9.70 -0.26 -3.52
C SER A 902 -11.15 -0.30 -3.05
N GLY A 903 -11.71 -1.49 -2.95
CA GLY A 903 -13.10 -1.64 -2.49
C GLY A 903 -13.19 -1.89 -1.00
N MET A 904 -12.48 -1.09 -0.19
CA MET A 904 -12.49 -1.25 1.26
C MET A 904 -13.66 -0.44 1.82
N PRO A 905 -14.61 -1.09 2.52
CA PRO A 905 -15.92 -0.50 2.80
C PRO A 905 -15.92 0.82 3.59
N GLU A 906 -14.92 1.01 4.45
CA GLU A 906 -14.82 2.22 5.28
C GLU A 906 -13.88 3.30 4.72
N LEU A 907 -13.40 3.11 3.50
CA LEU A 907 -12.56 4.10 2.81
C LEU A 907 -13.04 4.21 1.36
N GLN A 908 -14.16 4.91 1.17
CA GLN A 908 -14.87 5.00 -0.11
C GLN A 908 -14.71 6.34 -0.80
N SER A 909 -14.61 7.41 -0.01
CA SER A 909 -14.40 8.75 -0.55
C SER A 909 -13.43 9.55 0.30
N PHE A 910 -13.08 10.74 -0.21
CA PHE A 910 -12.28 11.69 0.54
C PHE A 910 -12.91 12.16 1.83
N ASP A 911 -14.24 12.08 1.96
CA ASP A 911 -14.93 12.40 3.21
C ASP A 911 -14.55 11.46 4.36
N ASP A 912 -14.33 10.18 4.05
CA ASP A 912 -13.79 9.23 5.05
C ASP A 912 -12.41 9.66 5.54
N ILE A 913 -11.58 10.15 4.62
CA ILE A 913 -10.23 10.55 4.97
C ILE A 913 -10.27 11.83 5.81
N ALA A 914 -11.27 12.68 5.57
CA ALA A 914 -11.49 13.91 6.35
C ALA A 914 -11.56 13.67 7.87
N TYR A 915 -11.96 12.47 8.29
CA TYR A 915 -11.87 12.07 9.70
C TYR A 915 -10.49 12.35 10.30
N ILE A 916 -9.44 12.00 9.56
CA ILE A 916 -8.07 12.28 10.01
C ILE A 916 -7.78 13.79 10.14
N ARG A 917 -8.27 14.60 9.20
CA ARG A 917 -8.19 16.08 9.28
C ARG A 917 -8.81 16.62 10.57
N LYS A 918 -9.90 15.99 11.01
CA LYS A 918 -10.52 16.31 12.30
C LYS A 918 -9.64 15.90 13.48
N THR A 919 -9.24 14.62 13.55
CA THR A 919 -8.48 14.12 14.74
C THR A 919 -7.11 14.80 14.89
N LEU A 920 -6.47 15.11 13.75
CA LEU A 920 -5.19 15.84 13.78
C LEU A 920 -5.37 17.39 13.82
N ALA A 921 -6.62 17.87 13.75
CA ALA A 921 -6.95 19.30 13.86
C ALA A 921 -6.09 20.18 12.93
N LEU A 922 -6.08 19.82 11.65
CA LEU A 922 -5.20 20.44 10.67
C LEU A 922 -5.60 21.87 10.30
N ASP A 923 -6.90 22.17 10.34
CA ASP A 923 -7.40 23.54 10.18
C ASP A 923 -7.09 24.47 11.37
N LYS A 924 -6.76 23.88 12.52
CA LYS A 924 -6.41 24.65 13.71
C LYS A 924 -4.91 24.90 13.80
N THR A 925 -4.52 25.68 14.81
CA THR A 925 -3.11 25.91 15.12
C THR A 925 -2.58 24.73 15.95
N GLU A 926 -1.25 24.61 15.99
CA GLU A 926 -0.61 23.50 16.70
C GLU A 926 -1.01 23.44 18.18
N GLN A 927 -1.03 24.59 18.84
CA GLN A 927 -1.46 24.70 20.24
C GLN A 927 -2.97 24.46 20.41
N GLU A 928 -3.76 24.99 19.49
CA GLU A 928 -5.19 24.68 19.45
C GLU A 928 -5.45 23.17 19.24
N ALA A 929 -4.58 22.51 18.48
CA ALA A 929 -4.66 21.05 18.25
C ALA A 929 -4.36 20.26 19.52
N LEU A 930 -3.29 20.63 20.23
CA LEU A 930 -2.99 20.04 21.56
C LEU A 930 -4.19 20.10 22.48
N GLU A 931 -4.76 21.29 22.60
CA GLU A 931 -5.92 21.53 23.45
C GLU A 931 -7.13 20.71 23.01
N TYR A 932 -7.33 20.60 21.70
CA TYR A 932 -8.40 19.73 21.17
C TYR A 932 -8.20 18.28 21.61
N PHE A 933 -6.95 17.78 21.51
CA PHE A 933 -6.61 16.41 21.89
C PHE A 933 -6.85 16.17 23.38
N MET A 934 -6.46 17.15 24.19
CA MET A 934 -6.67 17.10 25.62
C MET A 934 -8.16 17.04 25.98
N LYS A 935 -8.97 17.82 25.27
CA LYS A 935 -10.42 17.86 25.51
C LYS A 935 -11.13 16.54 25.19
N GLN A 936 -10.74 15.89 24.09
CA GLN A 936 -11.31 14.60 23.71
C GLN A 936 -10.98 13.53 24.76
N MET A 937 -9.73 13.53 25.22
CA MET A 937 -9.32 12.64 26.31
C MET A 937 -10.08 12.99 27.58
N ASN A 938 -10.11 14.27 27.95
CA ASN A 938 -10.84 14.73 29.14
C ASN A 938 -12.30 14.24 29.20
N ASP A 939 -13.07 14.58 28.17
CA ASP A 939 -14.48 14.17 28.05
C ASP A 939 -14.69 12.64 28.12
N ALA A 940 -13.81 11.89 27.46
CA ALA A 940 -13.92 10.41 27.41
C ALA A 940 -13.56 9.72 28.73
N HIS A 941 -12.66 10.34 29.50
CA HIS A 941 -12.18 9.78 30.78
C HIS A 941 -12.88 10.40 32.01
N HIS A 942 -13.75 11.39 31.78
CA HIS A 942 -14.45 12.12 32.86
C HIS A 942 -13.45 12.75 33.83
N GLY A 943 -12.52 13.53 33.27
CA GLY A 943 -11.47 14.21 34.03
C GLY A 943 -10.09 13.65 33.78
N GLY A 944 -9.09 14.42 34.23
CA GLY A 944 -7.68 14.04 34.17
C GLY A 944 -6.84 14.84 33.19
N TRP A 945 -7.47 15.30 32.10
CA TRP A 945 -6.76 15.91 30.96
C TRP A 945 -7.11 17.38 30.82
N THR A 946 -6.18 18.24 31.24
CA THR A 946 -6.43 19.69 31.32
C THR A 946 -5.14 20.48 31.15
#